data_8FOV
#
_entry.id   8FOV
#
_cell.length_a   56.710
_cell.length_b   112.290
_cell.length_c   173.590
_cell.angle_alpha   90.000
_cell.angle_beta   90.000
_cell.angle_gamma   90.000
#
_symmetry.space_group_name_H-M   'P 21 21 21'
#
loop_
_entity.id
_entity.type
_entity.pdbx_description
1 polymer 'Tryptophan 5-halogenase'
2 non-polymer 'FLAVIN-ADENINE DINUCLEOTIDE'
3 non-polymer 'CHLORIDE ION'
4 non-polymer GLYCEROL
5 non-polymer 'ACETATE ION'
6 water water
#
_entity_poly.entity_id   1
_entity_poly.type   'polypeptide(L)'
_entity_poly.pdbx_seq_one_letter_code
;PMLKNVVVVGGGTAGWMTASYLTAAFGDRIGVTLVESKRVGSIGVGEATFSTVRHFFEYLGLEEKEWMPACNATYKLAIR
FENWREPGHHFYHPFERQRVVDGFPLTDWWLREPRSDRFDKDCFLVGTLCDDLKSPRQLNGELFEGGLGGRSAYRTTLAE
QTTQFPYAYHFDATLVANYLRDYAVARGVKHVLDDVQDVALDDRGWISHVVTGESGNLTGDLFIDCTGFRSLLLGKALAE
PFQSYQDSLPNDSAVALRVPQDMENRGLRPCTTATAQEAGWIWTIPLFDRIGTGYVYAGDYISPEEAERTLRAFVGPAAE
HADANHIKMRIGRSNRHWVNNCVAVGLSSGFVEPLESTGIFFIQHAIEQLVKHFPDERWDDGLRTAYNKLVNNVMDGVRE
FLVVHYYAAKRQDNQYWKDAKTRPLPDGLAERLERWQTRLPDNESVFPHYHGFESYSYVCMLLGLGGLDLKSSPALGLMD
AAPARHEFKLVGEQAAELARTLPTQYEYFAQLHRAR
;
_entity_poly.pdbx_strand_id   A,B
#
# COMPACT_ATOMS: atom_id res chain seq x y z
N PRO A 1 4.77 33.51 -6.67
CA PRO A 1 4.84 33.58 -8.13
C PRO A 1 4.11 32.40 -8.77
N MET A 2 2.79 32.47 -8.77
CA MET A 2 1.97 31.34 -9.20
C MET A 2 1.58 31.49 -10.66
N LEU A 3 1.30 30.36 -11.30
CA LEU A 3 0.83 30.38 -12.67
C LEU A 3 -0.52 31.09 -12.76
N LYS A 4 -0.80 31.65 -13.94
CA LYS A 4 -2.00 32.45 -14.11
C LYS A 4 -3.01 31.87 -15.09
N ASN A 5 -2.58 31.07 -16.06
CA ASN A 5 -3.51 30.63 -17.10
C ASN A 5 -3.16 29.24 -17.60
N VAL A 6 -4.19 28.41 -17.75
CA VAL A 6 -4.08 27.10 -18.37
C VAL A 6 -4.89 27.11 -19.67
N VAL A 7 -4.34 26.49 -20.71
CA VAL A 7 -5.06 26.28 -21.96
C VAL A 7 -5.21 24.78 -22.19
N VAL A 8 -6.45 24.32 -22.30
CA VAL A 8 -6.76 22.92 -22.58
C VAL A 8 -7.11 22.82 -24.06
N VAL A 9 -6.44 21.91 -24.77
CA VAL A 9 -6.65 21.74 -26.21
C VAL A 9 -7.36 20.41 -26.42
N GLY A 10 -8.63 20.46 -26.78
CA GLY A 10 -9.41 19.27 -26.97
C GLY A 10 -10.63 19.25 -26.07
N GLY A 11 -11.76 18.81 -26.61
CA GLY A 11 -13.01 18.85 -25.87
C GLY A 11 -13.72 17.51 -25.81
N GLY A 12 -12.95 16.43 -25.82
CA GLY A 12 -13.48 15.12 -25.53
C GLY A 12 -13.63 14.93 -24.04
N THR A 13 -13.77 13.67 -23.63
CA THR A 13 -13.88 13.38 -22.21
C THR A 13 -12.65 13.88 -21.44
N ALA A 14 -11.46 13.75 -22.03
CA ALA A 14 -10.24 14.18 -21.35
C ALA A 14 -10.23 15.68 -21.11
N GLY A 15 -10.54 16.47 -22.15
CA GLY A 15 -10.48 17.91 -22.01
C GLY A 15 -11.45 18.46 -20.99
N TRP A 16 -12.68 17.94 -20.98
CA TRP A 16 -13.68 18.49 -20.07
C TRP A 16 -13.56 17.93 -18.66
N MET A 17 -13.03 16.72 -18.50
CA MET A 17 -12.67 16.28 -17.16
C MET A 17 -11.54 17.15 -16.60
N THR A 18 -10.55 17.48 -17.43
CA THR A 18 -9.46 18.34 -17.00
C THR A 18 -9.98 19.71 -16.60
N ALA A 19 -10.77 20.35 -17.47
CA ALA A 19 -11.22 21.71 -17.21
C ALA A 19 -12.13 21.77 -15.98
N SER A 20 -13.07 20.83 -15.88
CA SER A 20 -13.98 20.83 -14.72
C SER A 20 -13.21 20.56 -13.43
N TYR A 21 -12.26 19.62 -13.45
CA TYR A 21 -11.49 19.32 -12.24
C TYR A 21 -10.65 20.51 -11.81
N LEU A 22 -10.04 21.22 -12.77
CA LEU A 22 -9.25 22.40 -12.44
C LEU A 22 -10.10 23.47 -11.75
N THR A 23 -11.33 23.70 -12.21
CA THR A 23 -12.16 24.69 -11.54
C THR A 23 -12.59 24.22 -10.16
N ALA A 24 -12.80 22.91 -9.99
CA ALA A 24 -13.12 22.40 -8.67
C ALA A 24 -11.95 22.58 -7.72
N ALA A 25 -10.72 22.39 -8.21
CA ALA A 25 -9.55 22.45 -7.35
C ALA A 25 -9.12 23.89 -7.07
N PHE A 26 -9.10 24.75 -8.09
CA PHE A 26 -8.51 26.08 -7.98
C PHE A 26 -9.50 27.22 -8.06
N GLY A 27 -10.75 26.96 -8.46
CA GLY A 27 -11.73 28.03 -8.52
C GLY A 27 -11.29 29.11 -9.50
N ASP A 28 -11.58 30.36 -9.15
CA ASP A 28 -11.20 31.49 -9.98
C ASP A 28 -9.77 31.97 -9.72
N ARG A 29 -8.96 31.20 -9.00
CA ARG A 29 -7.60 31.63 -8.70
C ARG A 29 -6.63 31.37 -9.84
N ILE A 30 -7.06 30.67 -10.89
CA ILE A 30 -6.29 30.54 -12.12
C ILE A 30 -7.28 30.52 -13.28
N GLY A 31 -6.85 31.08 -14.41
CA GLY A 31 -7.69 31.10 -15.59
C GLY A 31 -7.58 29.81 -16.38
N VAL A 32 -8.71 29.34 -16.91
CA VAL A 32 -8.75 28.12 -17.71
C VAL A 32 -9.48 28.43 -19.01
N THR A 33 -8.85 28.06 -20.12
CA THR A 33 -9.45 28.18 -21.45
C THR A 33 -9.41 26.81 -22.10
N LEU A 34 -10.52 26.41 -22.72
CA LEU A 34 -10.57 25.17 -23.48
C LEU A 34 -10.93 25.49 -24.92
N VAL A 35 -10.12 25.03 -25.86
CA VAL A 35 -10.38 25.18 -27.28
C VAL A 35 -10.63 23.79 -27.86
N GLU A 36 -11.66 23.68 -28.70
CA GLU A 36 -12.01 22.39 -29.26
C GLU A 36 -12.58 22.58 -30.66
N SER A 37 -12.35 21.59 -31.50
CA SER A 37 -12.73 21.66 -32.90
C SER A 37 -14.24 21.59 -33.07
N LYS A 38 -14.75 22.33 -34.06
CA LYS A 38 -16.13 22.16 -34.50
C LYS A 38 -16.31 21.03 -35.50
N ARG A 39 -15.21 20.51 -36.04
CA ARG A 39 -15.26 19.56 -37.15
C ARG A 39 -14.61 18.22 -36.85
N VAL A 40 -13.62 18.15 -35.98
CA VAL A 40 -13.03 16.89 -35.54
C VAL A 40 -13.81 16.41 -34.33
N GLY A 41 -14.39 15.21 -34.44
CA GLY A 41 -15.18 14.69 -33.35
C GLY A 41 -14.34 14.06 -32.25
N SER A 42 -15.00 13.74 -31.14
CA SER A 42 -14.41 12.90 -30.12
C SER A 42 -14.41 11.44 -30.59
N ILE A 43 -13.74 10.58 -29.83
CA ILE A 43 -13.55 9.22 -30.32
C ILE A 43 -14.86 8.45 -30.34
N GLY A 44 -15.82 8.82 -29.50
CA GLY A 44 -17.15 8.25 -29.56
C GLY A 44 -17.36 7.02 -28.72
N VAL A 45 -16.36 6.60 -27.95
CA VAL A 45 -16.46 5.45 -27.07
C VAL A 45 -15.89 5.85 -25.71
N GLY A 46 -15.76 4.88 -24.81
CA GLY A 46 -15.33 5.17 -23.46
C GLY A 46 -16.52 5.30 -22.53
N GLU A 47 -17.17 4.17 -22.26
CA GLU A 47 -18.47 4.19 -21.62
C GLU A 47 -18.56 3.36 -20.36
N ALA A 48 -17.51 2.62 -19.97
CA ALA A 48 -17.43 1.95 -18.68
C ALA A 48 -16.27 2.52 -17.90
N THR A 49 -16.40 2.54 -16.57
CA THR A 49 -15.41 3.20 -15.72
C THR A 49 -14.89 2.25 -14.64
N PHE A 50 -13.95 2.76 -13.86
CA PHE A 50 -13.26 2.02 -12.81
C PHE A 50 -13.59 2.62 -11.45
N SER A 51 -13.29 1.86 -10.39
CA SER A 51 -13.63 2.18 -9.00
C SER A 51 -13.42 3.63 -8.60
N THR A 52 -12.30 4.22 -9.02
CA THR A 52 -11.93 5.55 -8.53
C THR A 52 -12.83 6.66 -9.06
N VAL A 53 -13.62 6.40 -10.11
CA VAL A 53 -14.40 7.46 -10.73
C VAL A 53 -15.43 8.05 -9.77
N ARG A 54 -15.86 7.27 -8.75
CA ARG A 54 -16.78 7.83 -7.76
C ARG A 54 -16.18 9.05 -7.08
N HIS A 55 -14.86 9.04 -6.84
CA HIS A 55 -14.21 10.15 -6.18
C HIS A 55 -14.07 11.36 -7.10
N PHE A 56 -14.06 11.17 -8.41
CA PHE A 56 -14.05 12.30 -9.32
C PHE A 56 -15.34 13.11 -9.20
N PHE A 57 -16.49 12.43 -9.25
CA PHE A 57 -17.76 13.14 -9.11
C PHE A 57 -17.91 13.73 -7.72
N GLU A 58 -17.42 13.02 -6.69
CA GLU A 58 -17.45 13.57 -5.34
C GLU A 58 -16.63 14.85 -5.25
N TYR A 59 -15.47 14.89 -5.91
CA TYR A 59 -14.61 16.07 -5.84
C TYR A 59 -15.30 17.27 -6.48
N LEU A 60 -15.99 17.08 -7.60
CA LEU A 60 -16.75 18.16 -8.22
C LEU A 60 -18.02 18.52 -7.45
N GLY A 61 -18.39 17.73 -6.45
CA GLY A 61 -19.60 17.98 -5.70
C GLY A 61 -20.87 17.49 -6.36
N LEU A 62 -20.78 16.51 -7.26
CA LEU A 62 -21.93 16.02 -8.00
C LEU A 62 -22.43 14.72 -7.38
N GLU A 63 -23.73 14.64 -7.14
CA GLU A 63 -24.35 13.44 -6.61
C GLU A 63 -24.93 12.61 -7.75
N GLU A 64 -25.02 11.30 -7.53
CA GLU A 64 -25.46 10.39 -8.58
C GLU A 64 -26.82 10.78 -9.13
N LYS A 65 -27.76 11.14 -8.25
CA LYS A 65 -29.12 11.39 -8.69
C LYS A 65 -29.23 12.59 -9.63
N GLU A 66 -28.23 13.46 -9.67
CA GLU A 66 -28.33 14.58 -10.60
C GLU A 66 -27.62 14.33 -11.93
N TRP A 67 -26.43 13.71 -11.92
CA TRP A 67 -25.73 13.54 -13.19
C TRP A 67 -26.09 12.25 -13.92
N MET A 68 -26.42 11.18 -13.20
CA MET A 68 -26.69 9.91 -13.87
C MET A 68 -27.87 9.98 -14.82
N PRO A 69 -29.04 10.54 -14.44
CA PRO A 69 -30.14 10.62 -15.42
C PRO A 69 -29.79 11.45 -16.65
N ALA A 70 -28.95 12.47 -16.49
CA ALA A 70 -28.58 13.32 -17.62
C ALA A 70 -27.53 12.70 -18.53
N CYS A 71 -26.96 11.56 -18.15
CA CYS A 71 -25.85 10.96 -18.90
C CYS A 71 -26.15 9.52 -19.31
N ASN A 72 -27.42 9.09 -19.24
CA ASN A 72 -27.81 7.76 -19.70
C ASN A 72 -27.08 6.67 -18.91
N ALA A 73 -26.82 6.94 -17.64
CA ALA A 73 -25.87 6.15 -16.87
C ALA A 73 -26.55 5.01 -16.11
N THR A 74 -25.78 3.96 -15.87
CA THR A 74 -26.18 2.83 -15.04
C THR A 74 -25.02 2.50 -14.10
N TYR A 75 -25.24 1.52 -13.22
CA TYR A 75 -24.20 1.10 -12.29
C TYR A 75 -23.37 -0.02 -12.89
N LYS A 76 -22.07 0.00 -12.60
CA LYS A 76 -21.16 -1.09 -12.96
C LYS A 76 -20.61 -1.68 -11.67
N LEU A 77 -21.09 -2.86 -11.32
CA LEU A 77 -20.62 -3.54 -10.12
C LEU A 77 -19.53 -4.56 -10.40
N ALA A 78 -19.28 -4.89 -11.67
CA ALA A 78 -18.40 -5.99 -12.01
C ALA A 78 -18.17 -5.99 -13.52
N ILE A 79 -17.25 -6.85 -13.95
CA ILE A 79 -17.13 -7.25 -15.35
C ILE A 79 -17.44 -8.74 -15.43
N ARG A 80 -18.33 -9.11 -16.34
CA ARG A 80 -18.67 -10.51 -16.59
C ARG A 80 -17.80 -11.02 -17.73
N PHE A 81 -16.90 -11.97 -17.42
CA PHE A 81 -16.00 -12.55 -18.41
C PHE A 81 -16.60 -13.84 -18.95
N GLU A 82 -16.74 -13.93 -20.27
CA GLU A 82 -17.36 -15.07 -20.92
C GLU A 82 -16.38 -15.70 -21.91
N ASN A 83 -16.23 -17.02 -21.84
CA ASN A 83 -15.51 -17.83 -22.81
C ASN A 83 -14.01 -17.61 -22.79
N TRP A 84 -13.48 -17.01 -21.73
CA TRP A 84 -12.04 -16.86 -21.61
C TRP A 84 -11.38 -18.17 -21.18
N ARG A 85 -12.00 -18.90 -20.26
CA ARG A 85 -11.43 -20.17 -19.82
C ARG A 85 -11.69 -21.28 -20.82
N GLU A 86 -12.93 -21.40 -21.25
CA GLU A 86 -13.39 -22.46 -22.14
C GLU A 86 -14.76 -22.07 -22.66
N PRO A 87 -15.20 -22.67 -23.77
CA PRO A 87 -16.53 -22.34 -24.30
C PRO A 87 -17.63 -22.54 -23.26
N GLY A 88 -18.52 -21.56 -23.16
CA GLY A 88 -19.65 -21.63 -22.27
C GLY A 88 -19.37 -21.31 -20.82
N HIS A 89 -18.13 -20.99 -20.47
CA HIS A 89 -17.79 -20.64 -19.10
C HIS A 89 -17.92 -19.14 -18.89
N HIS A 90 -18.39 -18.74 -17.71
CA HIS A 90 -18.38 -17.34 -17.33
C HIS A 90 -18.06 -17.19 -15.85
N PHE A 91 -17.55 -16.01 -15.50
CA PHE A 91 -17.29 -15.65 -14.11
C PHE A 91 -17.31 -14.13 -14.01
N TYR A 92 -17.49 -13.64 -12.79
CA TYR A 92 -17.50 -12.22 -12.53
C TYR A 92 -16.19 -11.76 -11.91
N HIS A 93 -15.72 -10.62 -12.38
CA HIS A 93 -14.67 -9.87 -11.70
C HIS A 93 -15.37 -8.73 -10.98
N PRO A 94 -15.73 -8.90 -9.71
CA PRO A 94 -16.52 -7.88 -9.01
C PRO A 94 -15.68 -6.78 -8.40
N PHE A 95 -16.28 -5.60 -8.31
CA PHE A 95 -15.78 -4.54 -7.44
C PHE A 95 -16.21 -4.89 -6.03
N GLU A 96 -15.48 -5.83 -5.42
CA GLU A 96 -15.83 -6.36 -4.11
C GLU A 96 -14.56 -6.83 -3.43
N ARG A 97 -14.17 -6.18 -2.35
CA ARG A 97 -12.92 -6.51 -1.69
C ARG A 97 -13.06 -7.83 -0.93
N GLN A 98 -11.91 -8.45 -0.64
CA GLN A 98 -11.90 -9.81 -0.11
C GLN A 98 -12.44 -9.86 1.31
N ARG A 99 -13.12 -10.97 1.63
CA ARG A 99 -13.39 -11.33 3.01
C ARG A 99 -12.21 -12.14 3.51
N VAL A 100 -11.66 -11.73 4.66
CA VAL A 100 -10.50 -12.37 5.26
C VAL A 100 -10.95 -13.11 6.51
N VAL A 101 -10.65 -14.41 6.57
CA VAL A 101 -11.02 -15.25 7.70
C VAL A 101 -9.74 -15.76 8.34
N ASP A 102 -9.48 -15.34 9.58
CA ASP A 102 -8.32 -15.78 10.35
C ASP A 102 -7.02 -15.60 9.56
N GLY A 103 -6.92 -14.48 8.85
CA GLY A 103 -5.70 -14.13 8.15
C GLY A 103 -5.63 -14.59 6.71
N PHE A 104 -6.60 -15.37 6.24
CA PHE A 104 -6.56 -15.87 4.88
C PHE A 104 -7.83 -15.48 4.14
N PRO A 105 -7.71 -15.05 2.88
CA PRO A 105 -8.91 -14.68 2.11
C PRO A 105 -9.83 -15.88 1.96
N LEU A 106 -11.12 -15.59 1.83
CA LEU A 106 -12.11 -16.64 1.62
C LEU A 106 -11.81 -17.42 0.34
N THR A 107 -11.28 -16.75 -0.69
CA THR A 107 -10.90 -17.43 -1.92
C THR A 107 -9.82 -18.49 -1.68
N ASP A 108 -8.94 -18.25 -0.69
CA ASP A 108 -7.93 -19.25 -0.36
C ASP A 108 -8.57 -20.48 0.29
N TRP A 109 -9.47 -20.26 1.24
CA TRP A 109 -10.23 -21.37 1.81
C TRP A 109 -11.03 -22.12 0.76
N TRP A 110 -11.63 -21.38 -0.19
CA TRP A 110 -12.39 -22.00 -1.26
C TRP A 110 -11.49 -22.91 -2.10
N LEU A 111 -10.32 -22.40 -2.48
CA LEU A 111 -9.39 -23.21 -3.28
C LEU A 111 -9.02 -24.50 -2.56
N ARG A 112 -8.93 -24.46 -1.23
CA ARG A 112 -8.61 -25.67 -0.49
C ARG A 112 -9.73 -26.71 -0.62
N GLU A 113 -10.98 -26.25 -0.60
CA GLU A 113 -12.13 -27.16 -0.60
C GLU A 113 -13.29 -26.44 -1.27
N PRO A 114 -13.38 -26.51 -2.60
CA PRO A 114 -14.43 -25.76 -3.30
C PRO A 114 -15.82 -26.20 -2.87
N ARG A 115 -16.67 -25.22 -2.57
CA ARG A 115 -18.03 -25.49 -2.15
C ARG A 115 -18.96 -25.71 -3.34
N SER A 116 -18.63 -25.15 -4.49
CA SER A 116 -19.30 -25.42 -5.75
C SER A 116 -18.26 -25.33 -6.85
N ASP A 117 -18.70 -25.37 -8.11
CA ASP A 117 -17.77 -25.15 -9.21
C ASP A 117 -17.56 -23.68 -9.53
N ARG A 118 -18.21 -22.77 -8.80
CA ARG A 118 -18.12 -21.33 -9.07
C ARG A 118 -17.53 -20.62 -7.86
N PHE A 119 -16.24 -20.27 -7.96
CA PHE A 119 -15.60 -19.52 -6.88
C PHE A 119 -16.33 -18.20 -6.63
N ASP A 120 -16.81 -17.55 -7.70
CA ASP A 120 -17.39 -16.23 -7.52
C ASP A 120 -18.76 -16.31 -6.87
N LYS A 121 -19.51 -17.39 -7.11
CA LYS A 121 -20.78 -17.58 -6.42
C LYS A 121 -20.57 -17.82 -4.93
N ASP A 122 -19.57 -18.64 -4.57
CA ASP A 122 -19.37 -19.01 -3.18
C ASP A 122 -18.79 -17.87 -2.34
N CYS A 123 -17.93 -17.04 -2.94
CA CYS A 123 -17.13 -16.09 -2.18
C CYS A 123 -17.62 -14.66 -2.26
N PHE A 124 -18.51 -14.33 -3.18
CA PHE A 124 -18.87 -12.94 -3.46
C PHE A 124 -20.38 -12.76 -3.54
N LEU A 125 -20.83 -11.56 -3.21
CA LEU A 125 -22.25 -11.21 -3.34
C LEU A 125 -22.58 -10.60 -4.69
N VAL A 126 -21.62 -9.92 -5.33
CA VAL A 126 -21.94 -9.02 -6.44
C VAL A 126 -22.30 -9.78 -7.71
N GLY A 127 -21.65 -10.91 -7.98
CA GLY A 127 -22.00 -11.68 -9.17
C GLY A 127 -23.46 -12.09 -9.19
N THR A 128 -24.00 -12.48 -8.04
CA THR A 128 -25.41 -12.86 -7.98
C THR A 128 -26.31 -11.66 -8.18
N LEU A 129 -25.94 -10.50 -7.63
CA LEU A 129 -26.71 -9.28 -7.88
C LEU A 129 -26.76 -8.97 -9.38
N CYS A 130 -25.64 -9.16 -10.08
CA CYS A 130 -25.62 -8.94 -11.52
C CYS A 130 -26.54 -9.90 -12.25
N ASP A 131 -26.50 -11.18 -11.86
CA ASP A 131 -27.38 -12.17 -12.48
C ASP A 131 -28.84 -11.80 -12.31
N ASP A 132 -29.20 -11.24 -11.15
CA ASP A 132 -30.57 -10.86 -10.87
C ASP A 132 -30.88 -9.42 -11.29
N LEU A 133 -29.98 -8.79 -12.04
CA LEU A 133 -30.23 -7.47 -12.65
C LEU A 133 -30.54 -6.42 -11.57
N LYS A 134 -29.87 -6.53 -10.43
CA LYS A 134 -30.26 -5.77 -9.25
C LYS A 134 -29.64 -4.37 -9.26
N SER A 135 -30.38 -3.43 -8.67
CA SER A 135 -29.80 -2.15 -8.30
C SER A 135 -28.93 -2.32 -7.05
N PRO A 136 -27.80 -1.63 -6.96
CA PRO A 136 -27.03 -1.66 -5.70
C PRO A 136 -27.67 -0.83 -4.59
N ARG A 137 -28.67 -0.01 -4.92
CA ARG A 137 -29.36 0.82 -3.95
C ARG A 137 -30.82 0.40 -3.85
N GLN A 138 -31.33 0.37 -2.62
CA GLN A 138 -32.75 0.19 -2.40
C GLN A 138 -33.51 1.40 -2.93
N LEU A 139 -34.84 1.26 -3.05
CA LEU A 139 -35.65 2.33 -3.61
C LEU A 139 -35.58 3.62 -2.81
N ASN A 140 -35.20 3.56 -1.53
CA ASN A 140 -35.02 4.75 -0.71
C ASN A 140 -33.62 5.35 -0.85
N GLY A 141 -32.81 4.83 -1.77
CA GLY A 141 -31.51 5.39 -2.06
C GLY A 141 -30.36 4.80 -1.27
N GLU A 142 -30.63 3.99 -0.25
CA GLU A 142 -29.56 3.48 0.60
C GLU A 142 -28.82 2.33 -0.06
N LEU A 143 -27.50 2.35 0.06
CA LEU A 143 -26.68 1.29 -0.51
C LEU A 143 -26.93 -0.03 0.21
N PHE A 144 -26.86 -1.14 -0.53
CA PHE A 144 -27.16 -2.44 0.05
C PHE A 144 -26.18 -2.83 1.15
N GLU A 145 -24.96 -2.27 1.12
CA GLU A 145 -23.95 -2.61 2.11
C GLU A 145 -24.41 -2.29 3.53
N GLY A 146 -25.24 -1.25 3.70
CA GLY A 146 -25.70 -0.86 5.01
C GLY A 146 -26.56 -1.90 5.70
N GLY A 147 -27.09 -2.88 4.96
CA GLY A 147 -27.92 -3.91 5.53
C GLY A 147 -27.20 -5.18 5.92
N LEU A 148 -25.92 -5.30 5.59
CA LEU A 148 -25.16 -6.49 5.93
C LEU A 148 -24.86 -6.55 7.42
N THR A 162 -14.14 3.23 2.88
CA THR A 162 -14.21 2.11 3.80
C THR A 162 -15.08 0.98 3.23
N THR A 163 -15.79 1.29 2.15
CA THR A 163 -16.76 0.35 1.59
C THR A 163 -16.05 -0.91 1.10
N GLN A 164 -16.78 -2.03 1.15
CA GLN A 164 -16.31 -3.27 0.55
C GLN A 164 -16.60 -3.32 -0.95
N PHE A 165 -17.35 -2.36 -1.48
CA PHE A 165 -17.88 -2.42 -2.85
C PHE A 165 -17.50 -1.14 -3.58
N PRO A 166 -16.25 -1.03 -4.06
CA PRO A 166 -15.83 0.17 -4.81
C PRO A 166 -16.29 0.15 -6.26
N TYR A 167 -17.58 0.43 -6.46
CA TYR A 167 -18.22 0.24 -7.76
C TYR A 167 -17.96 1.43 -8.69
N ALA A 168 -18.48 1.34 -9.90
CA ALA A 168 -18.28 2.37 -10.93
C ALA A 168 -19.56 2.47 -11.75
N TYR A 169 -19.45 3.03 -12.97
CA TYR A 169 -20.63 3.36 -13.76
C TYR A 169 -20.43 2.98 -15.22
N HIS A 170 -21.55 2.87 -15.93
CA HIS A 170 -21.60 2.95 -17.38
C HIS A 170 -22.25 4.28 -17.74
N PHE A 171 -21.78 4.95 -18.78
CA PHE A 171 -22.44 6.17 -19.21
C PHE A 171 -22.13 6.48 -20.66
N ASP A 172 -22.91 7.41 -21.23
CA ASP A 172 -22.61 7.98 -22.53
C ASP A 172 -21.55 9.06 -22.35
N ALA A 173 -20.37 8.84 -22.93
CA ALA A 173 -19.26 9.75 -22.71
C ALA A 173 -19.52 11.14 -23.28
N THR A 174 -20.30 11.23 -24.36
CA THR A 174 -20.63 12.54 -24.91
C THR A 174 -21.52 13.33 -23.96
N LEU A 175 -22.48 12.66 -23.32
CA LEU A 175 -23.35 13.33 -22.37
C LEU A 175 -22.59 13.75 -21.12
N VAL A 176 -21.66 12.93 -20.66
CA VAL A 176 -20.82 13.31 -19.52
C VAL A 176 -19.98 14.53 -19.88
N ALA A 177 -19.38 14.54 -21.08
CA ALA A 177 -18.58 15.68 -21.50
C ALA A 177 -19.42 16.94 -21.59
N ASN A 178 -20.65 16.83 -22.12
CA ASN A 178 -21.57 17.96 -22.14
C ASN A 178 -21.89 18.44 -20.73
N TYR A 179 -22.09 17.50 -19.81
CA TYR A 179 -22.42 17.85 -18.43
C TYR A 179 -21.25 18.59 -17.76
N LEU A 180 -20.03 18.12 -17.99
CA LEU A 180 -18.86 18.75 -17.38
C LEU A 180 -18.52 20.07 -18.06
N ARG A 181 -18.76 20.17 -19.37
CA ARG A 181 -18.62 21.45 -20.05
C ARG A 181 -19.52 22.51 -19.41
N ASP A 182 -20.79 22.17 -19.22
CA ASP A 182 -21.71 23.12 -18.58
C ASP A 182 -21.30 23.40 -17.14
N TYR A 183 -20.82 22.38 -16.43
CA TYR A 183 -20.29 22.58 -15.09
C TYR A 183 -19.12 23.55 -15.09
N ALA A 184 -18.19 23.36 -16.03
CA ALA A 184 -16.96 24.16 -16.04
C ALA A 184 -17.23 25.57 -16.56
N VAL A 185 -18.01 25.71 -17.63
CA VAL A 185 -18.28 27.04 -18.18
C VAL A 185 -19.06 27.87 -17.16
N ALA A 186 -19.99 27.25 -16.42
CA ALA A 186 -20.71 27.96 -15.38
C ALA A 186 -19.77 28.50 -14.30
N ARG A 187 -18.59 27.91 -14.16
CA ARG A 187 -17.61 28.34 -13.17
C ARG A 187 -16.46 29.13 -13.79
N GLY A 188 -16.65 29.67 -14.99
CA GLY A 188 -15.73 30.64 -15.55
C GLY A 188 -14.74 30.13 -16.58
N VAL A 189 -14.84 28.87 -17.01
CA VAL A 189 -13.95 28.39 -18.06
C VAL A 189 -14.31 29.05 -19.37
N LYS A 190 -13.31 29.58 -20.06
CA LYS A 190 -13.49 30.17 -21.37
C LYS A 190 -13.50 29.07 -22.42
N HIS A 191 -14.54 29.03 -23.25
CA HIS A 191 -14.72 27.97 -24.23
C HIS A 191 -14.58 28.57 -25.62
N VAL A 192 -13.60 28.09 -26.39
CA VAL A 192 -13.34 28.53 -27.74
C VAL A 192 -13.65 27.39 -28.69
N LEU A 193 -14.55 27.61 -29.64
CA LEU A 193 -14.92 26.61 -30.64
C LEU A 193 -14.16 26.94 -31.92
N ASP A 194 -13.03 26.26 -32.13
CA ASP A 194 -12.13 26.57 -33.24
C ASP A 194 -11.11 25.44 -33.34
N ASP A 195 -10.39 25.43 -34.46
CA ASP A 195 -9.29 24.50 -34.67
C ASP A 195 -7.98 25.15 -34.25
N VAL A 196 -7.17 24.42 -33.50
CA VAL A 196 -5.76 24.77 -33.39
C VAL A 196 -5.08 24.37 -34.69
N GLN A 197 -4.41 25.34 -35.33
CA GLN A 197 -3.75 25.10 -36.59
C GLN A 197 -2.23 25.11 -36.48
N ASP A 198 -1.69 25.61 -35.37
CA ASP A 198 -0.25 25.60 -35.16
C ASP A 198 0.02 25.70 -33.67
N VAL A 199 1.10 25.06 -33.24
CA VAL A 199 1.58 25.14 -31.87
C VAL A 199 2.91 25.87 -31.91
N ALA A 200 2.92 27.10 -31.41
CA ALA A 200 4.10 27.95 -31.50
C ALA A 200 5.02 27.71 -30.31
N LEU A 201 6.27 27.39 -30.60
CA LEU A 201 7.28 27.14 -29.58
C LEU A 201 8.21 28.34 -29.46
N ASP A 202 8.70 28.59 -28.25
CA ASP A 202 9.68 29.65 -28.04
C ASP A 202 11.09 29.09 -28.22
N ASP A 203 12.09 29.89 -27.88
CA ASP A 203 13.48 29.49 -28.09
C ASP A 203 13.94 28.40 -27.13
N ARG A 204 13.22 28.17 -26.04
CA ARG A 204 13.49 27.06 -25.15
C ARG A 204 12.83 25.77 -25.59
N GLY A 205 12.00 25.81 -26.64
CA GLY A 205 11.19 24.66 -26.97
C GLY A 205 9.92 24.53 -26.15
N TRP A 206 9.62 25.53 -25.32
CA TRP A 206 8.35 25.54 -24.61
C TRP A 206 7.27 26.12 -25.51
N ILE A 207 6.01 25.76 -25.22
CA ILE A 207 4.88 26.25 -26.00
C ILE A 207 4.63 27.70 -25.64
N SER A 208 4.67 28.57 -26.64
CA SER A 208 4.35 29.98 -26.42
C SER A 208 2.84 30.22 -26.48
N HIS A 209 2.19 29.68 -27.50
CA HIS A 209 0.77 29.84 -27.71
C HIS A 209 0.33 28.84 -28.74
N VAL A 210 -0.98 28.67 -28.87
CA VAL A 210 -1.57 27.89 -29.96
C VAL A 210 -2.30 28.86 -30.89
N VAL A 211 -2.16 28.62 -32.18
CA VAL A 211 -2.74 29.49 -33.20
C VAL A 211 -4.05 28.86 -33.65
N THR A 212 -5.13 29.63 -33.59
CA THR A 212 -6.44 29.14 -33.98
C THR A 212 -6.80 29.65 -35.37
N GLY A 213 -7.83 29.03 -35.96
CA GLY A 213 -8.23 29.38 -37.31
C GLY A 213 -8.78 30.79 -37.41
N GLU A 214 -9.56 31.22 -36.40
CA GLU A 214 -10.17 32.54 -36.48
C GLU A 214 -10.42 33.17 -35.11
N SER A 215 -9.78 32.67 -34.05
CA SER A 215 -9.96 33.23 -32.72
C SER A 215 -8.67 33.82 -32.15
N GLY A 216 -7.67 34.06 -32.99
CA GLY A 216 -6.42 34.61 -32.52
C GLY A 216 -5.56 33.56 -31.86
N ASN A 217 -4.53 34.05 -31.17
CA ASN A 217 -3.63 33.19 -30.42
C ASN A 217 -4.16 32.99 -29.01
N LEU A 218 -4.15 31.75 -28.53
CA LEU A 218 -4.49 31.43 -27.16
C LEU A 218 -3.18 31.22 -26.41
N THR A 219 -2.91 32.11 -25.46
CA THR A 219 -1.68 32.07 -24.69
C THR A 219 -1.97 31.59 -23.27
N GLY A 220 -0.92 31.12 -22.60
CA GLY A 220 -1.06 30.64 -21.25
C GLY A 220 0.28 30.19 -20.72
N ASP A 221 0.27 29.77 -19.45
CA ASP A 221 1.46 29.27 -18.78
C ASP A 221 1.62 27.77 -18.96
N LEU A 222 0.51 27.04 -18.93
CA LEU A 222 0.49 25.58 -19.01
C LEU A 222 -0.50 25.17 -20.08
N PHE A 223 -0.10 24.22 -20.93
CA PHE A 223 -0.95 23.72 -22.00
C PHE A 223 -1.21 22.24 -21.78
N ILE A 224 -2.48 21.84 -21.89
CA ILE A 224 -2.88 20.46 -21.69
C ILE A 224 -3.29 19.89 -23.04
N ASP A 225 -2.61 18.82 -23.46
CA ASP A 225 -2.91 18.17 -24.73
C ASP A 225 -3.98 17.12 -24.50
N CYS A 226 -5.21 17.43 -24.92
CA CYS A 226 -6.33 16.50 -24.89
C CYS A 226 -6.87 16.28 -26.30
N THR A 227 -5.97 16.23 -27.28
CA THR A 227 -6.35 16.10 -28.68
C THR A 227 -6.54 14.66 -29.12
N GLY A 228 -6.40 13.69 -28.22
CA GLY A 228 -6.61 12.29 -28.57
C GLY A 228 -5.35 11.61 -29.04
N PHE A 229 -5.54 10.49 -29.76
CA PHE A 229 -4.42 9.70 -30.25
C PHE A 229 -3.43 10.54 -31.04
N ARG A 230 -3.93 11.52 -31.80
CA ARG A 230 -3.08 12.33 -32.67
C ARG A 230 -2.07 13.16 -31.89
N SER A 231 -2.32 13.45 -30.61
CA SER A 231 -1.38 14.11 -29.71
C SER A 231 -0.68 15.29 -30.38
N LEU A 232 -1.44 16.34 -30.69
CA LEU A 232 -0.92 17.41 -31.53
C LEU A 232 0.14 18.24 -30.83
N LEU A 233 0.10 18.32 -29.50
CA LEU A 233 1.03 19.14 -28.74
C LEU A 233 2.22 18.33 -28.25
N LEU A 234 1.97 17.23 -27.54
CA LEU A 234 3.08 16.48 -26.95
C LEU A 234 3.76 15.60 -27.98
N GLY A 235 3.00 14.76 -28.68
CA GLY A 235 3.61 13.83 -29.62
C GLY A 235 4.11 14.49 -30.88
N LYS A 236 3.40 15.51 -31.36
CA LYS A 236 3.72 16.10 -32.65
C LYS A 236 4.58 17.35 -32.51
N ALA A 237 4.02 18.39 -31.90
CA ALA A 237 4.75 19.66 -31.78
C ALA A 237 6.03 19.50 -30.98
N LEU A 238 5.98 18.78 -29.86
CA LEU A 238 7.15 18.60 -29.01
C LEU A 238 7.95 17.33 -29.33
N ALA A 239 7.44 16.49 -30.23
CA ALA A 239 8.15 15.32 -30.73
C ALA A 239 8.58 14.38 -29.60
N GLU A 240 7.70 14.21 -28.61
CA GLU A 240 8.03 13.31 -27.51
C GLU A 240 7.88 11.85 -27.96
N PRO A 241 8.89 11.01 -27.76
CA PRO A 241 8.78 9.60 -28.17
C PRO A 241 7.63 8.89 -27.48
N PHE A 242 7.08 7.91 -28.17
CA PHE A 242 5.97 7.11 -27.67
C PHE A 242 6.45 5.66 -27.55
N GLN A 243 6.14 5.03 -26.42
CA GLN A 243 6.57 3.65 -26.15
C GLN A 243 5.41 2.72 -26.44
N SER A 244 5.56 1.90 -27.48
CA SER A 244 4.50 0.98 -27.85
C SER A 244 4.42 -0.19 -26.87
N TYR A 245 3.18 -0.64 -26.61
CA TYR A 245 2.95 -1.89 -25.91
C TYR A 245 2.56 -3.02 -26.84
N GLN A 246 2.64 -2.81 -28.16
CA GLN A 246 1.99 -3.73 -29.09
C GLN A 246 2.65 -5.11 -29.10
N ASP A 247 3.95 -5.20 -28.75
CA ASP A 247 4.60 -6.50 -28.71
C ASP A 247 4.00 -7.40 -27.64
N SER A 248 3.55 -6.81 -26.53
CA SER A 248 2.94 -7.58 -25.46
C SER A 248 1.43 -7.68 -25.56
N LEU A 249 0.79 -6.73 -26.24
CA LEU A 249 -0.67 -6.70 -26.37
C LEU A 249 -1.00 -6.38 -27.82
N PRO A 250 -1.27 -7.40 -28.65
CA PRO A 250 -1.41 -7.17 -30.09
C PRO A 250 -2.73 -6.56 -30.54
N ASN A 251 -3.75 -6.47 -29.67
CA ASN A 251 -5.01 -5.89 -30.08
C ASN A 251 -4.82 -4.42 -30.41
N ASP A 252 -5.03 -4.06 -31.68
CA ASP A 252 -4.75 -2.73 -32.19
C ASP A 252 -5.97 -2.06 -32.80
N SER A 253 -7.11 -2.74 -32.85
CA SER A 253 -8.26 -2.27 -33.62
C SER A 253 -9.55 -2.53 -32.85
N ALA A 254 -10.58 -1.78 -33.22
CA ALA A 254 -11.90 -2.00 -32.67
C ALA A 254 -12.95 -1.63 -33.70
N VAL A 255 -14.11 -2.25 -33.59
CA VAL A 255 -15.30 -1.85 -34.33
C VAL A 255 -16.44 -1.76 -33.32
N ALA A 256 -17.13 -0.62 -33.31
CA ALA A 256 -18.11 -0.33 -32.27
C ALA A 256 -19.49 -0.09 -32.87
N LEU A 257 -20.51 -0.43 -32.09
CA LEU A 257 -21.91 -0.22 -32.45
C LEU A 257 -22.66 0.36 -31.27
N ARG A 258 -23.66 1.18 -31.57
CA ARG A 258 -24.67 1.60 -30.61
C ARG A 258 -25.99 0.96 -31.01
N VAL A 259 -26.63 0.30 -30.06
CA VAL A 259 -27.69 -0.67 -30.37
C VAL A 259 -28.88 -0.44 -29.45
N PRO A 260 -30.11 -0.49 -29.97
CA PRO A 260 -31.28 -0.41 -29.07
C PRO A 260 -31.32 -1.57 -28.10
N GLN A 261 -32.03 -1.37 -27.00
CA GLN A 261 -32.06 -2.29 -25.87
C GLN A 261 -33.41 -2.99 -25.82
N GLY A 267 -34.54 -5.52 -18.75
CA GLY A 267 -33.73 -5.48 -17.55
C GLY A 267 -32.32 -4.99 -17.79
N LEU A 268 -31.77 -4.25 -16.82
CA LEU A 268 -30.44 -3.67 -16.91
C LEU A 268 -29.50 -4.44 -16.00
N ARG A 269 -28.58 -5.18 -16.60
CA ARG A 269 -27.60 -5.93 -15.82
C ARG A 269 -26.49 -4.97 -15.39
N PRO A 270 -26.23 -4.81 -14.09
CA PRO A 270 -25.27 -3.78 -13.64
C PRO A 270 -23.82 -4.23 -13.77
N CYS A 271 -23.41 -4.55 -15.00
CA CYS A 271 -22.05 -4.99 -15.23
C CYS A 271 -21.72 -4.88 -16.71
N THR A 272 -20.43 -4.72 -16.99
CA THR A 272 -19.90 -4.85 -18.34
C THR A 272 -19.66 -6.33 -18.62
N THR A 273 -19.88 -6.72 -19.87
CA THR A 273 -19.59 -8.08 -20.28
C THR A 273 -18.45 -8.07 -21.28
N ALA A 274 -17.49 -8.98 -21.10
CA ALA A 274 -16.34 -9.12 -21.98
C ALA A 274 -16.31 -10.57 -22.48
N THR A 275 -16.72 -10.77 -23.72
CA THR A 275 -16.90 -12.10 -24.30
C THR A 275 -15.74 -12.38 -25.26
N ALA A 276 -14.86 -13.29 -24.87
CA ALA A 276 -13.71 -13.63 -25.68
C ALA A 276 -14.12 -14.16 -27.04
N GLN A 277 -13.41 -13.72 -28.08
CA GLN A 277 -13.65 -14.11 -29.47
C GLN A 277 -12.40 -14.77 -30.02
N GLU A 278 -12.43 -15.10 -31.33
CA GLU A 278 -11.32 -15.82 -31.92
C GLU A 278 -10.05 -14.97 -32.03
N ALA A 279 -10.19 -13.65 -32.12
CA ALA A 279 -9.03 -12.77 -32.26
C ALA A 279 -9.15 -11.54 -31.39
N GLY A 280 -9.78 -11.69 -30.22
CA GLY A 280 -10.00 -10.56 -29.34
C GLY A 280 -11.17 -10.82 -28.42
N TRP A 281 -12.01 -9.81 -28.20
CA TRP A 281 -13.11 -9.95 -27.27
C TRP A 281 -14.12 -8.85 -27.56
N ILE A 282 -15.38 -9.11 -27.19
CA ILE A 282 -16.48 -8.19 -27.47
C ILE A 282 -17.00 -7.61 -26.17
N TRP A 283 -17.12 -6.29 -26.11
CA TRP A 283 -17.69 -5.65 -24.94
C TRP A 283 -19.19 -5.45 -25.11
N THR A 284 -19.91 -5.56 -24.00
CA THR A 284 -21.31 -5.17 -23.94
C THR A 284 -21.45 -4.22 -22.75
N ILE A 285 -21.88 -3.00 -23.02
CA ILE A 285 -22.01 -1.98 -21.97
C ILE A 285 -23.45 -1.51 -21.94
N PRO A 286 -24.22 -1.84 -20.92
CA PRO A 286 -25.63 -1.46 -20.90
C PRO A 286 -25.85 -0.05 -20.37
N LEU A 287 -26.28 0.85 -21.22
CA LEU A 287 -26.72 2.16 -20.77
C LEU A 287 -28.21 2.07 -20.43
N PHE A 288 -28.80 3.18 -20.01
CA PHE A 288 -30.17 3.13 -19.53
C PHE A 288 -31.15 2.79 -20.66
N ASP A 289 -30.91 3.31 -21.86
CA ASP A 289 -31.84 3.08 -22.96
C ASP A 289 -31.19 2.55 -24.22
N ARG A 290 -29.93 2.13 -24.16
CA ARG A 290 -29.27 1.52 -25.31
C ARG A 290 -28.10 0.68 -24.82
N ILE A 291 -27.48 -0.02 -25.76
CA ILE A 291 -26.33 -0.87 -25.49
C ILE A 291 -25.18 -0.41 -26.37
N GLY A 292 -24.03 -0.19 -25.75
CA GLY A 292 -22.79 0.01 -26.47
C GLY A 292 -22.04 -1.31 -26.57
N THR A 293 -21.58 -1.64 -27.76
CA THR A 293 -20.96 -2.93 -27.99
C THR A 293 -19.90 -2.80 -29.07
N GLY A 294 -18.84 -3.60 -28.95
CA GLY A 294 -17.74 -3.52 -29.89
C GLY A 294 -16.83 -4.72 -29.79
N TYR A 295 -16.09 -4.95 -30.87
CA TYR A 295 -15.12 -6.05 -30.97
C TYR A 295 -13.73 -5.44 -30.97
N VAL A 296 -12.97 -5.69 -29.91
CA VAL A 296 -11.55 -5.33 -29.83
C VAL A 296 -10.75 -6.51 -30.39
N TYR A 297 -9.90 -6.26 -31.39
CA TYR A 297 -9.26 -7.38 -32.07
C TYR A 297 -7.87 -6.99 -32.56
N ALA A 298 -7.14 -8.01 -33.01
CA ALA A 298 -5.79 -7.84 -33.54
C ALA A 298 -5.87 -7.91 -35.06
N GLY A 299 -5.59 -6.79 -35.72
CA GLY A 299 -5.67 -6.72 -37.17
C GLY A 299 -4.79 -7.71 -37.89
N ASP A 300 -3.69 -8.15 -37.28
CA ASP A 300 -2.83 -9.15 -37.89
C ASP A 300 -3.45 -10.53 -37.93
N TYR A 301 -4.58 -10.75 -37.25
CA TYR A 301 -5.25 -12.04 -37.22
C TYR A 301 -6.56 -12.05 -38.01
N ILE A 302 -7.36 -10.98 -37.94
CA ILE A 302 -8.58 -10.87 -38.74
C ILE A 302 -8.66 -9.48 -39.34
N SER A 303 -9.41 -9.37 -40.44
CA SER A 303 -9.61 -8.11 -41.11
C SER A 303 -10.74 -7.33 -40.44
N PRO A 304 -10.82 -6.01 -40.68
CA PRO A 304 -11.96 -5.24 -40.16
C PRO A 304 -13.31 -5.78 -40.61
N GLU A 305 -13.37 -6.32 -41.83
CA GLU A 305 -14.62 -6.89 -42.34
C GLU A 305 -15.04 -8.11 -41.53
N GLU A 306 -14.09 -9.00 -41.24
CA GLU A 306 -14.40 -10.17 -40.42
C GLU A 306 -14.81 -9.76 -39.02
N ALA A 307 -14.13 -8.74 -38.46
CA ALA A 307 -14.48 -8.26 -37.13
C ALA A 307 -15.90 -7.70 -37.09
N GLU A 308 -16.24 -6.87 -38.07
CA GLU A 308 -17.61 -6.33 -38.13
C GLU A 308 -18.63 -7.45 -38.31
N ARG A 309 -18.33 -8.41 -39.17
CA ARG A 309 -19.22 -9.55 -39.37
C ARG A 309 -19.43 -10.32 -38.07
N THR A 310 -18.35 -10.57 -37.34
CA THR A 310 -18.45 -11.29 -36.08
C THR A 310 -19.30 -10.51 -35.07
N LEU A 311 -19.07 -9.20 -34.98
CA LEU A 311 -19.80 -8.37 -34.03
C LEU A 311 -21.30 -8.36 -34.35
N ARG A 312 -21.65 -8.16 -35.61
CA ARG A 312 -23.06 -8.10 -36.00
C ARG A 312 -23.75 -9.43 -35.73
N ALA A 313 -23.09 -10.55 -36.03
CA ALA A 313 -23.67 -11.86 -35.73
C ALA A 313 -23.84 -12.05 -34.23
N PHE A 314 -22.89 -11.56 -33.44
CA PHE A 314 -22.97 -11.69 -31.99
C PHE A 314 -24.15 -10.90 -31.43
N VAL A 315 -24.32 -9.66 -31.90
CA VAL A 315 -25.40 -8.81 -31.39
C VAL A 315 -26.75 -9.32 -31.87
N GLY A 316 -26.82 -9.77 -33.13
CA GLY A 316 -28.05 -10.29 -33.68
C GLY A 316 -28.86 -9.21 -34.36
N PRO A 317 -30.15 -9.49 -34.59
CA PRO A 317 -30.99 -8.56 -35.36
C PRO A 317 -30.96 -7.12 -34.89
N ALA A 318 -30.77 -6.87 -33.59
CA ALA A 318 -30.79 -5.49 -33.10
C ALA A 318 -29.70 -4.63 -33.72
N ALA A 319 -28.69 -5.24 -34.35
CA ALA A 319 -27.58 -4.50 -34.95
C ALA A 319 -27.76 -4.28 -36.45
N GLU A 320 -28.87 -4.73 -37.03
CA GLU A 320 -28.98 -4.76 -38.49
C GLU A 320 -29.05 -3.38 -39.12
N HIS A 321 -29.29 -2.33 -38.33
CA HIS A 321 -29.40 -0.98 -38.89
C HIS A 321 -28.43 0.00 -38.24
N ALA A 322 -27.53 -0.48 -37.39
CA ALA A 322 -26.55 0.39 -36.73
C ALA A 322 -25.31 0.53 -37.58
N ASP A 323 -24.77 1.75 -37.62
CA ASP A 323 -23.54 2.02 -38.36
C ASP A 323 -22.33 1.62 -37.54
N ALA A 324 -21.40 0.91 -38.18
CA ALA A 324 -20.19 0.46 -37.49
C ALA A 324 -19.15 1.58 -37.45
N ASN A 325 -18.50 1.72 -36.30
CA ASN A 325 -17.45 2.71 -36.09
C ASN A 325 -16.13 1.98 -35.97
N HIS A 326 -15.29 2.08 -37.01
CA HIS A 326 -14.00 1.40 -37.02
C HIS A 326 -12.92 2.33 -36.46
N ILE A 327 -12.15 1.81 -35.50
CA ILE A 327 -11.17 2.60 -34.76
C ILE A 327 -9.83 1.88 -34.81
N LYS A 328 -8.77 2.61 -35.15
CA LYS A 328 -7.41 2.13 -34.97
C LYS A 328 -6.88 2.70 -33.66
N MET A 329 -6.38 1.81 -32.79
CA MET A 329 -5.95 2.19 -31.46
C MET A 329 -4.44 2.40 -31.42
N ARG A 330 -4.00 3.44 -30.70
CA ARG A 330 -2.58 3.65 -30.42
C ARG A 330 -2.31 3.07 -29.03
N ILE A 331 -1.63 1.93 -28.98
CA ILE A 331 -1.49 1.14 -27.77
C ILE A 331 -0.08 1.35 -27.22
N GLY A 332 0.01 1.92 -26.03
CA GLY A 332 1.29 2.20 -25.42
C GLY A 332 1.17 3.44 -24.55
N ARG A 333 2.33 4.05 -24.27
CA ARG A 333 2.37 5.26 -23.46
C ARG A 333 3.47 6.17 -23.95
N SER A 334 3.27 7.47 -23.79
CA SER A 334 4.33 8.42 -24.07
C SER A 334 5.49 8.16 -23.13
N ASN A 335 6.70 8.47 -23.61
CA ASN A 335 7.90 8.33 -22.78
C ASN A 335 7.80 9.25 -21.56
N ARG A 336 7.41 10.49 -21.77
CA ARG A 336 7.11 11.44 -20.72
C ARG A 336 5.75 12.06 -21.02
N HIS A 337 5.02 12.39 -19.97
CA HIS A 337 3.67 12.92 -20.09
C HIS A 337 3.60 14.41 -19.81
N TRP A 338 4.51 14.91 -18.98
CA TRP A 338 4.67 16.34 -18.72
C TRP A 338 6.06 16.71 -19.21
N VAL A 339 6.12 17.51 -20.27
CA VAL A 339 7.37 17.96 -20.87
C VAL A 339 7.28 19.48 -20.99
N ASN A 340 8.30 20.17 -20.49
CA ASN A 340 8.30 21.64 -20.46
C ASN A 340 7.01 22.14 -19.83
N ASN A 341 6.23 22.94 -20.56
CA ASN A 341 4.95 23.43 -20.05
C ASN A 341 3.76 22.75 -20.71
N CYS A 342 3.90 21.47 -21.05
CA CYS A 342 2.84 20.72 -21.72
C CYS A 342 2.59 19.41 -21.00
N VAL A 343 1.33 19.12 -20.71
CA VAL A 343 0.92 17.87 -20.09
C VAL A 343 -0.12 17.21 -20.99
N ALA A 344 0.07 15.93 -21.30
CA ALA A 344 -0.91 15.18 -22.06
C ALA A 344 -1.87 14.47 -21.12
N VAL A 345 -3.16 14.60 -21.38
CA VAL A 345 -4.21 13.95 -20.61
C VAL A 345 -5.14 13.24 -21.58
N GLY A 346 -5.40 11.97 -21.34
CA GLY A 346 -6.28 11.19 -22.20
C GLY A 346 -5.51 10.34 -23.20
N LEU A 347 -6.10 10.08 -24.37
CA LEU A 347 -5.47 9.21 -25.35
C LEU A 347 -4.14 9.76 -25.86
N SER A 348 -3.95 11.08 -25.78
CA SER A 348 -2.67 11.68 -26.15
C SER A 348 -1.53 11.18 -25.26
N SER A 349 -1.84 10.77 -24.04
CA SER A 349 -0.84 10.32 -23.06
C SER A 349 -0.51 8.84 -23.19
N GLY A 350 -1.52 8.03 -23.46
CA GLY A 350 -1.32 6.59 -23.51
C GLY A 350 -2.66 5.90 -23.56
N PHE A 351 -2.61 4.59 -23.79
CA PHE A 351 -3.84 3.83 -23.88
C PHE A 351 -3.53 2.35 -23.94
N VAL A 352 -4.36 1.55 -23.26
CA VAL A 352 -4.43 0.10 -23.43
C VAL A 352 -5.86 -0.25 -23.78
N GLU A 353 -6.04 -1.43 -24.38
CA GLU A 353 -7.37 -1.85 -24.80
C GLU A 353 -8.34 -1.81 -23.62
N PRO A 354 -9.63 -1.57 -23.87
CA PRO A 354 -10.56 -1.29 -22.77
C PRO A 354 -11.05 -2.51 -22.01
N LEU A 355 -10.20 -3.53 -21.90
CA LEU A 355 -10.59 -4.79 -21.27
C LEU A 355 -10.95 -4.62 -19.80
N GLU A 356 -10.31 -3.69 -19.11
CA GLU A 356 -10.62 -3.43 -17.70
C GLU A 356 -11.03 -1.97 -17.47
N SER A 357 -11.50 -1.29 -18.51
CA SER A 357 -12.09 0.04 -18.40
C SER A 357 -11.17 1.02 -17.68
N THR A 358 -10.02 1.29 -18.29
CA THR A 358 -9.01 2.13 -17.65
C THR A 358 -8.78 3.49 -18.32
N GLY A 359 -9.43 3.78 -19.45
CA GLY A 359 -9.17 5.04 -20.14
C GLY A 359 -9.51 6.26 -19.30
N ILE A 360 -10.71 6.27 -18.71
CA ILE A 360 -11.12 7.40 -17.90
C ILE A 360 -10.40 7.37 -16.56
N PHE A 361 -10.02 6.17 -16.08
CA PHE A 361 -9.17 6.07 -14.90
C PHE A 361 -7.82 6.75 -15.13
N PHE A 362 -7.20 6.52 -16.29
CA PHE A 362 -5.96 7.22 -16.62
C PHE A 362 -6.15 8.74 -16.60
N ILE A 363 -7.26 9.22 -17.17
CA ILE A 363 -7.51 10.66 -17.19
C ILE A 363 -7.63 11.21 -15.78
N GLN A 364 -8.43 10.55 -14.94
CA GLN A 364 -8.60 11.04 -13.56
C GLN A 364 -7.28 11.03 -12.80
N HIS A 365 -6.49 9.96 -12.94
CA HIS A 365 -5.18 9.90 -12.31
C HIS A 365 -4.31 11.05 -12.80
N ALA A 366 -4.29 11.28 -14.12
CA ALA A 366 -3.48 12.35 -14.70
C ALA A 366 -3.85 13.70 -14.12
N ILE A 367 -5.15 13.98 -14.01
CA ILE A 367 -5.56 15.31 -13.56
C ILE A 367 -5.43 15.45 -12.06
N GLU A 368 -5.75 14.40 -11.30
CA GLU A 368 -5.53 14.45 -9.85
C GLU A 368 -4.06 14.68 -9.53
N GLN A 369 -3.16 13.97 -10.23
CA GLN A 369 -1.74 14.13 -9.96
C GLN A 369 -1.18 15.43 -10.53
N LEU A 370 -1.82 16.00 -11.54
CA LEU A 370 -1.38 17.30 -12.04
C LEU A 370 -1.66 18.38 -11.01
N VAL A 371 -2.83 18.31 -10.35
CA VAL A 371 -3.11 19.24 -9.26
C VAL A 371 -2.12 19.05 -8.11
N LYS A 372 -1.84 17.79 -7.75
CA LYS A 372 -0.93 17.55 -6.63
C LYS A 372 0.48 18.03 -6.93
N HIS A 373 0.93 17.89 -8.19
CA HIS A 373 2.26 18.32 -8.61
C HIS A 373 2.23 19.65 -9.36
N PHE A 374 1.20 20.46 -9.16
CA PHE A 374 1.06 21.67 -9.94
C PHE A 374 2.27 22.59 -9.68
N PRO A 375 2.85 23.18 -10.72
CA PRO A 375 4.05 23.99 -10.56
C PRO A 375 3.71 25.43 -10.19
N ASP A 376 4.73 26.15 -9.75
CA ASP A 376 4.71 27.61 -9.70
C ASP A 376 5.67 28.13 -10.77
N GLU A 377 6.00 29.42 -10.72
CA GLU A 377 6.85 29.98 -11.75
C GLU A 377 8.28 29.45 -11.70
N ARG A 378 8.66 28.74 -10.65
CA ARG A 378 9.99 28.13 -10.62
C ARG A 378 10.08 26.90 -11.50
N TRP A 379 8.93 26.30 -11.87
CA TRP A 379 8.86 25.12 -12.73
C TRP A 379 9.88 24.06 -12.29
N ASP A 380 9.84 23.72 -11.01
CA ASP A 380 10.73 22.72 -10.45
C ASP A 380 10.66 21.43 -11.26
N ASP A 381 11.78 21.07 -11.89
CA ASP A 381 11.78 19.89 -12.75
C ASP A 381 11.51 18.61 -11.97
N GLY A 382 11.76 18.59 -10.67
CA GLY A 382 11.43 17.43 -9.86
C GLY A 382 9.94 17.12 -9.87
N LEU A 383 9.10 18.14 -10.02
CA LEU A 383 7.66 17.89 -10.14
C LEU A 383 7.36 17.09 -11.40
N ARG A 384 8.01 17.44 -12.52
CA ARG A 384 7.82 16.68 -13.75
C ARG A 384 8.31 15.25 -13.60
N THR A 385 9.50 15.08 -13.00
CA THR A 385 10.09 13.76 -12.83
C THR A 385 9.18 12.85 -12.02
N ALA A 386 8.67 13.36 -10.90
CA ALA A 386 7.73 12.59 -10.07
C ALA A 386 6.44 12.30 -10.84
N TYR A 387 5.88 13.33 -11.46
CA TYR A 387 4.63 13.15 -12.19
C TYR A 387 4.77 12.08 -13.27
N ASN A 388 5.85 12.16 -14.05
CA ASN A 388 6.03 11.20 -15.13
C ASN A 388 6.23 9.78 -14.60
N LYS A 389 6.93 9.62 -13.48
CA LYS A 389 7.10 8.29 -12.90
C LYS A 389 5.77 7.71 -12.46
N LEU A 390 4.93 8.53 -11.81
CA LEU A 390 3.61 8.06 -11.37
C LEU A 390 2.75 7.60 -12.54
N VAL A 391 2.69 8.39 -13.60
CA VAL A 391 1.87 8.01 -14.75
C VAL A 391 2.45 6.78 -15.45
N ASN A 392 3.77 6.74 -15.64
CA ASN A 392 4.38 5.57 -16.27
C ASN A 392 4.13 4.32 -15.44
N ASN A 393 4.20 4.42 -14.12
CA ASN A 393 3.97 3.25 -13.28
C ASN A 393 2.51 2.79 -13.37
N VAL A 394 1.57 3.73 -13.42
CA VAL A 394 0.16 3.35 -13.57
C VAL A 394 -0.06 2.59 -14.88
N MET A 395 0.46 3.13 -15.98
CA MET A 395 0.21 2.52 -17.28
C MET A 395 0.96 1.20 -17.43
N ASP A 396 2.21 1.15 -16.98
CA ASP A 396 2.96 -0.11 -17.01
C ASP A 396 2.27 -1.18 -16.17
N GLY A 397 1.73 -0.78 -15.01
CA GLY A 397 1.08 -1.75 -14.15
C GLY A 397 -0.19 -2.31 -14.76
N VAL A 398 -1.01 -1.43 -15.34
CA VAL A 398 -2.22 -1.89 -16.04
C VAL A 398 -1.83 -2.77 -17.22
N ARG A 399 -0.79 -2.40 -17.97
CA ARG A 399 -0.34 -3.25 -19.08
C ARG A 399 -0.01 -4.65 -18.60
N GLU A 400 0.73 -4.77 -17.49
CA GLU A 400 1.05 -6.08 -16.94
C GLU A 400 -0.21 -6.84 -16.58
N PHE A 401 -1.16 -6.16 -15.91
CA PHE A 401 -2.43 -6.80 -15.53
C PHE A 401 -3.16 -7.34 -16.76
N LEU A 402 -3.16 -6.58 -17.87
CA LEU A 402 -3.87 -7.03 -19.06
C LEU A 402 -3.16 -8.20 -19.73
N VAL A 403 -1.82 -8.19 -19.74
CA VAL A 403 -1.08 -9.32 -20.28
C VAL A 403 -1.47 -10.60 -19.55
N VAL A 404 -1.69 -10.49 -18.23
CA VAL A 404 -2.10 -11.64 -17.43
C VAL A 404 -3.46 -12.18 -17.89
N HIS A 405 -4.36 -11.28 -18.33
CA HIS A 405 -5.65 -11.75 -18.82
C HIS A 405 -5.47 -12.74 -19.97
N TYR A 406 -4.59 -12.44 -20.90
CA TYR A 406 -4.40 -13.32 -22.05
C TYR A 406 -3.50 -14.50 -21.72
N TYR A 407 -2.53 -14.30 -20.82
CA TYR A 407 -1.64 -15.39 -20.44
C TYR A 407 -2.36 -16.44 -19.61
N ALA A 408 -3.18 -16.01 -18.65
CA ALA A 408 -3.83 -16.93 -17.74
C ALA A 408 -5.14 -17.47 -18.28
N ALA A 409 -5.67 -16.91 -19.37
CA ALA A 409 -6.84 -17.48 -20.01
C ALA A 409 -6.53 -18.90 -20.43
N LYS A 410 -7.34 -19.85 -19.95
CA LYS A 410 -7.01 -21.25 -20.17
C LYS A 410 -7.00 -21.61 -21.66
N ARG A 411 -7.88 -20.98 -22.45
CA ARG A 411 -8.07 -21.41 -23.83
C ARG A 411 -6.78 -21.23 -24.64
N GLN A 412 -6.49 -22.23 -25.47
CA GLN A 412 -5.42 -22.17 -26.46
C GLN A 412 -5.88 -22.87 -27.73
N ASP A 413 -7.08 -22.50 -28.19
CA ASP A 413 -7.78 -23.21 -29.24
C ASP A 413 -7.35 -22.82 -30.65
N ASN A 414 -6.66 -21.69 -30.82
CA ASN A 414 -6.19 -21.29 -32.14
C ASN A 414 -4.83 -20.60 -31.98
N GLN A 415 -4.31 -20.06 -33.07
CA GLN A 415 -3.00 -19.43 -33.01
C GLN A 415 -3.01 -18.21 -32.11
N TYR A 416 -4.08 -17.41 -32.18
CA TYR A 416 -4.19 -16.20 -31.36
C TYR A 416 -4.05 -16.51 -29.88
N TRP A 417 -4.82 -17.50 -29.41
CA TRP A 417 -4.85 -17.81 -27.98
C TRP A 417 -3.64 -18.62 -27.53
N LYS A 418 -2.96 -19.29 -28.47
CA LYS A 418 -1.65 -19.87 -28.16
C LYS A 418 -0.58 -18.77 -28.07
N ASP A 419 -0.59 -17.84 -29.04
CA ASP A 419 0.36 -16.74 -29.04
C ASP A 419 0.23 -15.86 -27.80
N ALA A 420 -0.94 -15.87 -27.16
CA ALA A 420 -1.14 -15.11 -25.94
C ALA A 420 -0.29 -15.60 -24.77
N LYS A 421 0.33 -16.77 -24.91
CA LYS A 421 1.18 -17.32 -23.85
C LYS A 421 2.67 -17.27 -24.19
N THR A 422 3.03 -16.88 -25.42
CA THR A 422 4.41 -16.86 -25.85
C THR A 422 4.91 -15.46 -26.17
N ARG A 423 4.11 -14.44 -25.91
CA ARG A 423 4.58 -13.08 -26.13
C ARG A 423 5.51 -12.65 -24.99
N PRO A 424 6.39 -11.68 -25.24
CA PRO A 424 7.36 -11.30 -24.20
C PRO A 424 6.65 -10.68 -23.00
N LEU A 425 7.06 -11.11 -21.82
CA LEU A 425 6.39 -10.59 -20.63
C LEU A 425 7.11 -9.34 -20.12
N PRO A 426 6.37 -8.37 -19.58
CA PRO A 426 7.02 -7.23 -18.93
C PRO A 426 7.95 -7.67 -17.82
N ASP A 427 8.92 -6.82 -17.50
CA ASP A 427 9.91 -7.15 -16.48
C ASP A 427 9.23 -7.46 -15.15
N GLY A 428 9.62 -8.59 -14.56
CA GLY A 428 9.12 -8.99 -13.26
C GLY A 428 7.86 -9.85 -13.27
N LEU A 429 7.14 -9.90 -14.39
CA LEU A 429 5.89 -10.67 -14.41
C LEU A 429 6.15 -12.16 -14.34
N ALA A 430 7.20 -12.64 -15.03
CA ALA A 430 7.52 -14.06 -14.95
C ALA A 430 7.72 -14.51 -13.50
N GLU A 431 8.42 -13.70 -12.71
CA GLU A 431 8.62 -14.04 -11.31
C GLU A 431 7.31 -13.98 -10.53
N ARG A 432 6.46 -13.00 -10.83
CA ARG A 432 5.19 -12.91 -10.12
C ARG A 432 4.27 -14.06 -10.49
N LEU A 433 4.25 -14.45 -11.77
CA LEU A 433 3.46 -15.62 -12.18
C LEU A 433 3.84 -16.85 -11.38
N GLU A 434 5.12 -17.02 -11.07
CA GLU A 434 5.53 -18.19 -10.29
C GLU A 434 5.04 -18.08 -8.84
N ARG A 435 5.09 -16.88 -8.26
CA ARG A 435 4.61 -16.73 -6.89
C ARG A 435 3.10 -16.97 -6.80
N TRP A 436 2.35 -16.52 -7.80
CA TRP A 436 0.90 -16.70 -7.78
C TRP A 436 0.50 -18.17 -7.83
N GLN A 437 1.34 -19.03 -8.38
CA GLN A 437 1.05 -20.46 -8.40
C GLN A 437 1.57 -21.18 -7.16
N THR A 438 2.17 -20.43 -6.23
CA THR A 438 2.49 -20.90 -4.88
C THR A 438 1.40 -20.51 -3.88
N ARG A 439 1.02 -19.23 -3.88
CA ARG A 439 -0.05 -18.70 -3.06
C ARG A 439 -0.75 -17.59 -3.83
N LEU A 440 -2.05 -17.42 -3.58
CA LEU A 440 -2.83 -16.46 -4.35
C LEU A 440 -2.25 -15.05 -4.22
N PRO A 441 -2.38 -14.23 -5.25
CA PRO A 441 -1.81 -12.88 -5.22
C PRO A 441 -2.26 -12.07 -4.01
N ASP A 442 -1.35 -11.29 -3.45
CA ASP A 442 -1.66 -10.36 -2.38
C ASP A 442 -0.92 -9.05 -2.67
N ASN A 443 -1.01 -8.11 -1.72
CA ASN A 443 -0.43 -6.79 -1.93
C ASN A 443 1.05 -6.84 -2.26
N GLU A 444 1.78 -7.81 -1.72
CA GLU A 444 3.22 -7.83 -1.88
C GLU A 444 3.68 -8.70 -3.03
N SER A 445 2.77 -9.28 -3.82
CA SER A 445 3.17 -10.15 -4.93
C SER A 445 2.60 -9.66 -6.25
N VAL A 446 2.12 -8.43 -6.30
CA VAL A 446 1.71 -7.82 -7.56
C VAL A 446 2.67 -6.65 -7.87
N PHE A 447 2.56 -6.13 -9.10
CA PHE A 447 3.29 -4.96 -9.56
C PHE A 447 3.39 -3.93 -8.44
N PRO A 448 4.60 -3.57 -7.97
CA PRO A 448 4.73 -2.89 -6.68
C PRO A 448 4.59 -1.37 -6.74
N HIS A 449 3.72 -0.86 -7.61
CA HIS A 449 3.44 0.56 -7.67
C HIS A 449 1.95 0.73 -7.94
N TYR A 450 1.42 1.89 -7.56
CA TYR A 450 0.01 2.14 -7.77
C TYR A 450 -0.33 2.03 -9.24
N HIS A 451 -1.30 1.17 -9.57
CA HIS A 451 -1.82 1.09 -10.93
C HIS A 451 -3.33 0.86 -10.93
N GLY A 452 -4.02 1.40 -9.92
CA GLY A 452 -5.45 1.30 -9.82
C GLY A 452 -5.91 0.00 -9.18
N PHE A 453 -5.50 -1.12 -9.75
CA PHE A 453 -6.04 -2.41 -9.35
C PHE A 453 -5.43 -2.90 -8.04
N GLU A 454 -6.29 -3.44 -7.18
CA GLU A 454 -5.91 -4.02 -5.92
C GLU A 454 -5.71 -5.53 -6.09
N SER A 455 -5.13 -6.16 -5.06
CA SER A 455 -4.79 -7.57 -5.18
C SER A 455 -6.02 -8.45 -5.39
N TYR A 456 -7.18 -8.05 -4.84
CA TYR A 456 -8.38 -8.88 -5.00
C TYR A 456 -8.75 -9.06 -6.47
N SER A 457 -8.46 -8.04 -7.30
CA SER A 457 -8.74 -8.17 -8.74
C SER A 457 -7.87 -9.25 -9.38
N TYR A 458 -6.61 -9.35 -8.95
CA TYR A 458 -5.74 -10.40 -9.48
C TYR A 458 -6.25 -11.78 -9.08
N VAL A 459 -6.62 -11.95 -7.81
CA VAL A 459 -7.11 -13.24 -7.34
C VAL A 459 -8.31 -13.68 -8.17
N CYS A 460 -9.29 -12.79 -8.33
CA CYS A 460 -10.50 -13.14 -9.06
CA CYS A 460 -10.50 -13.14 -9.06
C CYS A 460 -10.19 -13.52 -10.50
N MET A 461 -9.36 -12.73 -11.18
CA MET A 461 -9.04 -13.02 -12.58
C MET A 461 -8.33 -14.37 -12.71
N LEU A 462 -7.35 -14.64 -11.85
CA LEU A 462 -6.64 -15.92 -11.94
C LEU A 462 -7.59 -17.09 -11.70
N LEU A 463 -8.46 -16.99 -10.69
CA LEU A 463 -9.39 -18.08 -10.40
C LEU A 463 -10.36 -18.29 -11.56
N GLY A 464 -10.85 -17.19 -12.15
CA GLY A 464 -11.78 -17.32 -13.25
C GLY A 464 -11.14 -17.79 -14.54
N LEU A 465 -9.99 -17.21 -14.88
CA LEU A 465 -9.36 -17.52 -16.17
C LEU A 465 -8.92 -18.97 -16.23
N GLY A 466 -8.43 -19.52 -15.12
CA GLY A 466 -8.26 -20.95 -14.97
C GLY A 466 -7.08 -21.58 -15.67
N GLY A 467 -6.16 -20.79 -16.23
CA GLY A 467 -5.05 -21.36 -16.97
C GLY A 467 -3.83 -21.67 -16.13
N LEU A 468 -3.75 -21.12 -14.92
CA LEU A 468 -2.62 -21.35 -14.05
C LEU A 468 -2.91 -22.48 -13.07
N ASP A 469 -1.83 -23.03 -12.50
CA ASP A 469 -1.93 -24.08 -11.48
C ASP A 469 -1.91 -23.40 -10.12
N LEU A 470 -3.09 -23.09 -9.60
CA LEU A 470 -3.21 -22.36 -8.35
C LEU A 470 -3.27 -23.34 -7.18
N LYS A 471 -2.67 -22.93 -6.05
CA LYS A 471 -2.62 -23.77 -4.86
C LYS A 471 -3.09 -22.97 -3.65
N SER A 472 -3.86 -23.63 -2.79
CA SER A 472 -4.22 -23.04 -1.51
C SER A 472 -3.05 -23.12 -0.54
N SER A 473 -3.10 -22.29 0.49
CA SER A 473 -2.03 -22.25 1.49
C SER A 473 -2.07 -23.50 2.36
N PRO A 474 -0.97 -24.25 2.49
CA PRO A 474 -0.99 -25.44 3.36
C PRO A 474 -1.36 -25.15 4.79
N ALA A 475 -1.13 -23.92 5.28
CA ALA A 475 -1.46 -23.60 6.66
C ALA A 475 -2.93 -23.86 6.98
N LEU A 476 -3.81 -23.72 5.99
CA LEU A 476 -5.23 -23.95 6.22
C LEU A 476 -5.51 -25.35 6.74
N GLY A 477 -4.68 -26.33 6.36
CA GLY A 477 -4.85 -27.69 6.85
C GLY A 477 -4.60 -27.84 8.34
N LEU A 478 -3.93 -26.88 8.96
CA LEU A 478 -3.62 -26.94 10.38
C LEU A 478 -4.50 -25.99 11.21
N MET A 479 -5.57 -25.47 10.63
CA MET A 479 -6.42 -24.51 11.31
C MET A 479 -7.86 -25.00 11.38
N ASP A 480 -8.62 -24.40 12.29
CA ASP A 480 -10.04 -24.72 12.42
C ASP A 480 -10.79 -24.22 11.19
N ALA A 481 -11.51 -25.12 10.53
CA ALA A 481 -12.27 -24.75 9.34
C ALA A 481 -13.59 -24.08 9.66
N ALA A 482 -14.01 -24.09 10.93
CA ALA A 482 -15.35 -23.59 11.28
C ALA A 482 -15.57 -22.14 10.89
N PRO A 483 -14.67 -21.18 11.17
CA PRO A 483 -14.94 -19.79 10.76
C PRO A 483 -15.12 -19.65 9.25
N ALA A 484 -14.35 -20.41 8.46
CA ALA A 484 -14.52 -20.35 7.01
C ALA A 484 -15.86 -20.91 6.59
N ARG A 485 -16.28 -22.03 7.19
CA ARG A 485 -17.59 -22.59 6.87
C ARG A 485 -18.70 -21.61 7.22
N HIS A 486 -18.58 -20.91 8.36
CA HIS A 486 -19.57 -19.92 8.74
C HIS A 486 -19.61 -18.77 7.74
N GLU A 487 -18.44 -18.36 7.24
CA GLU A 487 -18.40 -17.24 6.30
C GLU A 487 -19.08 -17.62 4.98
N PHE A 488 -18.82 -18.83 4.48
CA PHE A 488 -19.50 -19.29 3.28
C PHE A 488 -21.02 -19.30 3.47
N LYS A 489 -21.47 -19.83 4.62
CA LYS A 489 -22.90 -19.81 4.92
C LYS A 489 -23.42 -18.38 4.99
N LEU A 490 -22.65 -17.47 5.59
CA LEU A 490 -23.10 -16.09 5.72
C LEU A 490 -23.26 -15.43 4.35
N VAL A 491 -22.32 -15.70 3.42
CA VAL A 491 -22.44 -15.15 2.08
C VAL A 491 -23.75 -15.60 1.42
N GLY A 492 -24.09 -16.88 1.58
CA GLY A 492 -25.33 -17.37 1.02
C GLY A 492 -26.56 -16.72 1.64
N GLU A 493 -26.56 -16.55 2.96
CA GLU A 493 -27.68 -15.90 3.62
C GLU A 493 -27.84 -14.46 3.16
N GLN A 494 -26.73 -13.72 3.10
CA GLN A 494 -26.78 -12.33 2.67
C GLN A 494 -27.21 -12.21 1.21
N ALA A 495 -26.71 -13.11 0.35
CA ALA A 495 -27.18 -13.14 -1.03
C ALA A 495 -28.69 -13.36 -1.09
N ALA A 496 -29.19 -14.31 -0.30
CA ALA A 496 -30.63 -14.60 -0.32
C ALA A 496 -31.44 -13.39 0.14
N GLU A 497 -30.97 -12.68 1.16
CA GLU A 497 -31.68 -11.50 1.63
C GLU A 497 -31.64 -10.37 0.61
N LEU A 498 -30.49 -10.20 -0.07
CA LEU A 498 -30.39 -9.15 -1.08
C LEU A 498 -31.28 -9.44 -2.28
N ALA A 499 -31.37 -10.71 -2.69
CA ALA A 499 -32.24 -11.08 -3.81
C ALA A 499 -33.70 -10.80 -3.50
N ARG A 500 -34.10 -10.90 -2.23
CA ARG A 500 -35.49 -10.67 -1.87
C ARG A 500 -35.82 -9.18 -1.75
N THR A 501 -34.86 -8.34 -1.38
CA THR A 501 -35.16 -6.95 -1.03
C THR A 501 -34.79 -5.94 -2.11
N LEU A 502 -33.64 -6.10 -2.76
CA LEU A 502 -33.18 -5.08 -3.70
C LEU A 502 -34.14 -4.99 -4.89
N PRO A 503 -34.43 -3.79 -5.38
CA PRO A 503 -35.16 -3.68 -6.64
C PRO A 503 -34.24 -4.00 -7.81
N THR A 504 -34.86 -4.31 -8.94
CA THR A 504 -34.07 -4.42 -10.16
C THR A 504 -33.55 -3.04 -10.55
N GLN A 505 -32.46 -3.03 -11.31
CA GLN A 505 -31.87 -1.75 -11.70
C GLN A 505 -32.85 -0.94 -12.55
N TYR A 506 -33.63 -1.62 -13.40
CA TYR A 506 -34.62 -0.90 -14.19
C TYR A 506 -35.70 -0.29 -13.30
N GLU A 507 -36.18 -1.06 -12.31
CA GLU A 507 -37.16 -0.53 -11.36
C GLU A 507 -36.62 0.70 -10.65
N TYR A 508 -35.36 0.65 -10.21
CA TYR A 508 -34.76 1.78 -9.52
C TYR A 508 -34.72 3.02 -10.40
N PHE A 509 -34.19 2.88 -11.61
CA PHE A 509 -34.06 4.04 -12.49
C PHE A 509 -35.42 4.48 -13.04
N ALA A 510 -36.36 3.55 -13.19
CA ALA A 510 -37.67 3.91 -13.71
C ALA A 510 -38.34 4.96 -12.82
N GLN A 511 -38.32 4.79 -11.51
CA GLN A 511 -38.95 5.79 -10.65
C GLN A 511 -37.99 6.92 -10.27
N LEU A 512 -36.68 6.74 -10.45
CA LEU A 512 -35.74 7.85 -10.37
C LEU A 512 -35.80 8.76 -11.59
N HIS A 513 -36.11 8.22 -12.77
CA HIS A 513 -36.31 9.06 -13.95
C HIS A 513 -37.67 9.72 -13.96
N ARG A 514 -38.47 9.56 -12.90
CA ARG A 514 -39.71 10.31 -12.74
C ARG A 514 -39.47 11.80 -12.63
N PRO B 1 -0.67 -34.96 4.70
CA PRO B 1 0.63 -34.46 4.24
C PRO B 1 1.06 -33.21 5.02
N MET B 2 0.46 -33.03 6.19
N MET B 2 0.43 -32.98 6.17
CA MET B 2 0.74 -31.90 7.05
CA MET B 2 0.76 -31.82 6.99
C MET B 2 1.95 -32.18 7.93
C MET B 2 1.91 -32.14 7.93
N LEU B 3 2.73 -31.12 8.20
CA LEU B 3 3.84 -31.25 9.13
C LEU B 3 3.31 -31.58 10.53
N LYS B 4 4.16 -32.20 11.33
CA LYS B 4 3.75 -32.67 12.64
C LYS B 4 4.51 -32.06 13.81
N ASN B 5 5.75 -31.60 13.62
CA ASN B 5 6.56 -31.17 14.75
C ASN B 5 7.47 -30.02 14.37
N VAL B 6 7.58 -29.06 15.28
CA VAL B 6 8.47 -27.91 15.15
C VAL B 6 9.42 -27.91 16.34
N VAL B 7 10.69 -27.63 16.08
CA VAL B 7 11.69 -27.47 17.13
C VAL B 7 12.19 -26.03 17.07
N VAL B 8 11.98 -25.29 18.16
CA VAL B 8 12.49 -23.94 18.30
C VAL B 8 13.75 -24.00 19.15
N VAL B 9 14.84 -23.44 18.64
CA VAL B 9 16.10 -23.41 19.37
C VAL B 9 16.33 -21.97 19.83
N GLY B 10 16.31 -21.76 21.14
CA GLY B 10 16.46 -20.43 21.70
C GLY B 10 15.23 -20.00 22.47
N GLY B 11 15.43 -19.39 23.64
CA GLY B 11 14.35 -18.99 24.50
C GLY B 11 14.40 -17.54 24.93
N GLY B 12 14.88 -16.68 24.05
CA GLY B 12 14.73 -15.25 24.23
C GLY B 12 13.37 -14.80 23.75
N THR B 13 13.24 -13.49 23.50
CA THR B 13 11.97 -12.96 23.01
C THR B 13 11.56 -13.61 21.68
N ALA B 14 12.52 -13.84 20.79
CA ALA B 14 12.19 -14.44 19.50
C ALA B 14 11.63 -15.85 19.68
N GLY B 15 12.29 -16.66 20.51
CA GLY B 15 11.86 -18.05 20.67
C GLY B 15 10.48 -18.17 21.28
N TRP B 16 10.19 -17.35 22.29
CA TRP B 16 8.90 -17.49 22.96
C TRP B 16 7.78 -16.76 22.23
N MET B 17 8.10 -15.71 21.45
CA MET B 17 7.10 -15.18 20.53
C MET B 17 6.74 -16.21 19.47
N THR B 18 7.76 -16.93 18.96
CA THR B 18 7.51 -17.95 17.94
C THR B 18 6.62 -19.06 18.50
N ALA B 19 7.00 -19.62 19.65
CA ALA B 19 6.29 -20.76 20.21
C ALA B 19 4.85 -20.39 20.58
N SER B 20 4.66 -19.23 21.22
CA SER B 20 3.32 -18.83 21.61
C SER B 20 2.44 -18.59 20.37
N TYR B 21 3.01 -17.95 19.35
CA TYR B 21 2.23 -17.68 18.14
C TYR B 21 1.86 -18.97 17.42
N LEU B 22 2.75 -19.97 17.42
CA LEU B 22 2.45 -21.24 16.79
C LEU B 22 1.29 -21.95 17.49
N THR B 23 1.25 -21.92 18.83
CA THR B 23 0.12 -22.53 19.52
C THR B 23 -1.17 -21.76 19.26
N ALA B 24 -1.09 -20.44 19.09
CA ALA B 24 -2.30 -19.68 18.78
C ALA B 24 -2.81 -20.00 17.39
N ALA B 25 -1.90 -20.18 16.43
CA ALA B 25 -2.31 -20.41 15.05
C ALA B 25 -2.82 -21.84 14.87
N PHE B 26 -2.09 -22.82 15.39
CA PHE B 26 -2.31 -24.21 15.06
C PHE B 26 -2.82 -25.06 16.22
N GLY B 27 -2.73 -24.59 17.46
CA GLY B 27 -3.24 -25.35 18.58
C GLY B 27 -2.56 -26.69 18.71
N ASP B 28 -3.36 -27.71 19.05
CA ASP B 28 -2.86 -29.07 19.23
C ASP B 28 -2.50 -29.75 17.91
N ARG B 29 -2.72 -29.10 16.77
CA ARG B 29 -2.53 -29.79 15.50
C ARG B 29 -1.07 -29.92 15.11
N ILE B 30 -0.14 -29.29 15.83
CA ILE B 30 1.28 -29.47 15.58
C ILE B 30 2.01 -29.44 16.91
N GLY B 31 3.01 -30.31 17.06
CA GLY B 31 3.80 -30.34 18.27
C GLY B 31 4.94 -29.32 18.21
N VAL B 32 5.16 -28.64 19.32
CA VAL B 32 6.19 -27.62 19.42
C VAL B 32 7.10 -27.94 20.60
N THR B 33 8.39 -28.02 20.33
CA THR B 33 9.42 -28.16 21.36
C THR B 33 10.34 -26.94 21.26
N LEU B 34 10.65 -26.34 22.40
CA LEU B 34 11.61 -25.24 22.48
C LEU B 34 12.73 -25.65 23.41
N VAL B 35 13.96 -25.60 22.90
CA VAL B 35 15.15 -25.92 23.69
C VAL B 35 15.91 -24.63 23.94
N GLU B 36 16.25 -24.39 25.20
CA GLU B 36 16.78 -23.10 25.63
C GLU B 36 17.95 -23.33 26.57
N SER B 37 19.06 -22.63 26.32
CA SER B 37 20.24 -22.80 27.15
C SER B 37 19.98 -22.33 28.58
N LYS B 38 20.51 -23.08 29.55
CA LYS B 38 20.46 -22.65 30.93
C LYS B 38 21.55 -21.65 31.28
N ARG B 39 22.63 -21.61 30.50
CA ARG B 39 23.79 -20.79 30.84
C ARG B 39 23.98 -19.58 29.93
N VAL B 40 23.55 -19.63 28.67
CA VAL B 40 23.84 -18.55 27.74
C VAL B 40 22.98 -17.32 28.04
N GLY B 41 21.67 -17.51 28.19
CA GLY B 41 20.78 -16.41 28.48
C GLY B 41 20.48 -15.57 27.26
N SER B 42 19.54 -14.65 27.44
CA SER B 42 19.09 -13.80 26.35
C SER B 42 19.92 -12.52 26.27
N ILE B 43 19.65 -11.72 25.23
CA ILE B 43 20.45 -10.52 25.02
C ILE B 43 20.15 -9.47 26.09
N GLY B 44 18.99 -9.53 26.73
CA GLY B 44 18.69 -8.68 27.86
C GLY B 44 18.11 -7.32 27.52
N VAL B 45 18.01 -6.98 26.24
CA VAL B 45 17.43 -5.71 25.82
C VAL B 45 16.25 -5.99 24.89
N GLY B 46 15.64 -4.93 24.35
CA GLY B 46 14.49 -5.09 23.47
C GLY B 46 13.20 -4.80 24.23
N GLU B 47 12.99 -3.54 24.59
CA GLU B 47 11.95 -3.15 25.53
C GLU B 47 10.99 -2.11 24.96
N ALA B 48 11.08 -1.80 23.66
CA ALA B 48 10.13 -0.94 22.98
C ALA B 48 9.69 -1.61 21.69
N THR B 49 8.47 -1.31 21.25
CA THR B 49 7.88 -2.02 20.13
C THR B 49 7.34 -1.03 19.09
N PHE B 50 6.86 -1.60 17.98
CA PHE B 50 6.32 -0.89 16.84
C PHE B 50 4.81 -1.13 16.75
N SER B 51 4.14 -0.27 15.97
CA SER B 51 2.69 -0.25 15.77
C SER B 51 2.04 -1.62 15.66
N THR B 52 2.65 -2.54 14.92
CA THR B 52 1.99 -3.80 14.61
C THR B 52 1.85 -4.72 15.83
N VAL B 53 2.59 -4.45 16.91
CA VAL B 53 2.63 -5.40 18.03
C VAL B 53 1.27 -5.55 18.70
N ARG B 54 0.39 -4.55 18.58
CA ARG B 54 -0.97 -4.70 19.08
C ARG B 54 -1.63 -5.96 18.51
N HIS B 55 -1.37 -6.24 17.24
CA HIS B 55 -2.01 -7.38 16.59
C HIS B 55 -1.41 -8.70 17.07
N PHE B 56 -0.15 -8.70 17.51
CA PHE B 56 0.43 -9.92 18.06
C PHE B 56 -0.32 -10.37 19.30
N PHE B 57 -0.51 -9.47 20.27
CA PHE B 57 -1.22 -9.83 21.48
C PHE B 57 -2.68 -10.17 21.19
N GLU B 58 -3.29 -9.44 20.26
CA GLU B 58 -4.67 -9.76 19.86
C GLU B 58 -4.77 -11.16 19.29
N TYR B 59 -3.80 -11.55 18.45
CA TYR B 59 -3.82 -12.89 17.87
C TYR B 59 -3.77 -13.95 18.97
N LEU B 60 -2.96 -13.71 20.01
CA LEU B 60 -2.87 -14.63 21.14
C LEU B 60 -4.09 -14.56 22.05
N GLY B 61 -5.02 -13.66 21.80
CA GLY B 61 -6.19 -13.52 22.66
C GLY B 61 -5.90 -12.85 23.97
N LEU B 62 -4.90 -11.96 24.01
CA LEU B 62 -4.48 -11.30 25.24
C LEU B 62 -4.91 -9.84 25.22
N GLU B 63 -5.69 -9.44 26.21
CA GLU B 63 -6.08 -8.05 26.38
C GLU B 63 -5.01 -7.31 27.18
N GLU B 64 -4.92 -6.00 26.95
CA GLU B 64 -3.88 -5.20 27.62
C GLU B 64 -3.97 -5.35 29.13
N LYS B 65 -5.18 -5.39 29.69
CA LYS B 65 -5.35 -5.43 31.13
C LYS B 65 -4.77 -6.70 31.76
N GLU B 66 -4.57 -7.77 30.98
CA GLU B 66 -4.10 -9.02 31.57
C GLU B 66 -2.63 -9.31 31.33
N TRP B 67 -1.97 -8.63 30.38
CA TRP B 67 -0.54 -8.85 30.20
C TRP B 67 0.32 -7.66 30.59
N MET B 68 -0.17 -6.43 30.43
CA MET B 68 0.66 -5.26 30.73
C MET B 68 1.09 -5.20 32.19
N PRO B 69 0.21 -5.39 33.19
CA PRO B 69 0.71 -5.37 34.58
C PRO B 69 1.77 -6.43 34.85
N ALA B 70 1.57 -7.65 34.33
CA ALA B 70 2.53 -8.72 34.55
C ALA B 70 3.88 -8.44 33.92
N CYS B 71 3.94 -7.54 32.95
CA CYS B 71 5.18 -7.28 32.22
C CYS B 71 5.75 -5.89 32.50
N ASN B 72 5.20 -5.18 33.48
CA ASN B 72 5.66 -3.82 33.82
C ASN B 72 5.54 -2.89 32.63
N ALA B 73 4.53 -3.11 31.80
CA ALA B 73 4.45 -2.45 30.51
C ALA B 73 3.86 -1.04 30.65
N THR B 74 4.20 -0.20 29.68
CA THR B 74 3.62 1.13 29.54
C THR B 74 3.28 1.35 28.07
N TYR B 75 2.64 2.46 27.77
CA TYR B 75 2.25 2.77 26.41
C TYR B 75 3.36 3.55 25.69
N LYS B 76 3.57 3.23 24.41
CA LYS B 76 4.48 3.98 23.57
C LYS B 76 3.66 4.63 22.47
N LEU B 77 3.53 5.96 22.53
CA LEU B 77 2.78 6.72 21.53
C LEU B 77 3.67 7.35 20.48
N ALA B 78 4.99 7.36 20.68
CA ALA B 78 5.90 8.12 19.84
C ALA B 78 7.33 7.77 20.22
N ILE B 79 8.26 8.29 19.42
CA ILE B 79 9.66 8.40 19.79
C ILE B 79 10.01 9.88 19.86
N ARG B 80 10.65 10.28 20.96
CA ARG B 80 11.10 11.66 21.15
C ARG B 80 12.57 11.74 20.77
N PHE B 81 12.86 12.49 19.70
CA PHE B 81 14.22 12.63 19.18
C PHE B 81 14.83 13.91 19.74
N GLU B 82 15.87 13.77 20.56
CA GLU B 82 16.55 14.91 21.18
C GLU B 82 17.94 15.08 20.57
N ASN B 83 18.27 16.31 20.20
CA ASN B 83 19.61 16.71 19.75
C ASN B 83 19.98 16.17 18.38
N TRP B 84 19.01 15.77 17.58
CA TRP B 84 19.32 15.27 16.24
C TRP B 84 19.50 16.43 15.26
N ARG B 85 18.53 17.34 15.21
CA ARG B 85 18.68 18.50 14.33
C ARG B 85 19.82 19.40 14.80
N GLU B 86 19.89 19.65 16.10
CA GLU B 86 20.87 20.55 16.71
C GLU B 86 20.80 20.36 18.21
N PRO B 87 21.84 20.72 18.95
CA PRO B 87 21.83 20.50 20.40
C PRO B 87 20.69 21.27 21.04
N GLY B 88 19.97 20.60 21.95
CA GLY B 88 18.86 21.19 22.64
C GLY B 88 17.51 21.10 21.94
N HIS B 89 17.49 20.64 20.69
CA HIS B 89 16.27 20.53 19.93
C HIS B 89 15.60 19.20 20.22
N HIS B 90 14.27 19.17 20.15
CA HIS B 90 13.56 17.90 20.18
C HIS B 90 12.33 17.98 19.30
N PHE B 91 11.95 16.83 18.76
CA PHE B 91 10.69 16.66 18.08
C PHE B 91 10.20 15.23 18.32
N TYR B 92 8.93 15.01 18.01
CA TYR B 92 8.32 13.70 18.18
C TYR B 92 8.06 13.06 16.83
N HIS B 93 8.35 11.77 16.74
CA HIS B 93 7.86 10.91 15.68
C HIS B 93 6.66 10.17 16.25
N PRO B 94 5.44 10.64 16.04
CA PRO B 94 4.28 10.01 16.67
C PRO B 94 3.73 8.85 15.88
N PHE B 95 3.09 7.91 16.59
CA PHE B 95 2.23 6.91 15.98
C PHE B 95 0.89 7.60 15.73
N GLU B 96 0.86 8.45 14.71
CA GLU B 96 -0.31 9.28 14.47
C GLU B 96 -0.40 9.53 12.97
N ARG B 97 -1.42 8.96 12.32
CA ARG B 97 -1.56 9.10 10.89
C ARG B 97 -1.94 10.53 10.52
N GLN B 98 -1.64 10.90 9.28
CA GLN B 98 -1.71 12.31 8.89
C GLN B 98 -3.14 12.78 8.73
N ARG B 99 -3.37 14.03 9.12
CA ARG B 99 -4.59 14.72 8.74
C ARG B 99 -4.42 15.28 7.33
N VAL B 100 -5.43 15.03 6.49
CA VAL B 100 -5.37 15.39 5.07
C VAL B 100 -6.49 16.41 4.81
N VAL B 101 -6.10 17.59 4.34
CA VAL B 101 -7.02 18.69 4.11
C VAL B 101 -7.07 18.97 2.62
N ASP B 102 -8.24 18.77 2.01
CA ASP B 102 -8.45 18.99 0.58
C ASP B 102 -7.37 18.28 -0.25
N GLY B 103 -7.02 17.07 0.16
CA GLY B 103 -6.10 16.25 -0.61
C GLY B 103 -4.63 16.40 -0.28
N PHE B 104 -4.27 17.33 0.60
CA PHE B 104 -2.89 17.53 0.98
C PHE B 104 -2.72 17.38 2.49
N PRO B 105 -1.66 16.72 2.95
CA PRO B 105 -1.46 16.55 4.40
C PRO B 105 -1.28 17.88 5.10
N LEU B 106 -1.68 17.92 6.37
CA LEU B 106 -1.55 19.14 7.14
C LEU B 106 -0.10 19.58 7.25
N THR B 107 0.83 18.62 7.26
CA THR B 107 2.26 18.95 7.26
C THR B 107 2.67 19.72 6.01
N ASP B 108 2.00 19.46 4.87
CA ASP B 108 2.30 20.22 3.67
C ASP B 108 1.81 21.66 3.80
N TRP B 109 0.58 21.84 4.29
CA TRP B 109 0.11 23.18 4.60
C TRP B 109 1.02 23.88 5.60
N TRP B 110 1.49 23.14 6.61
CA TRP B 110 2.39 23.72 7.61
C TRP B 110 3.67 24.22 6.97
N LEU B 111 4.26 23.40 6.09
CA LEU B 111 5.54 23.75 5.49
C LEU B 111 5.42 25.00 4.62
N ARG B 112 4.24 25.23 4.03
CA ARG B 112 4.06 26.43 3.21
C ARG B 112 4.10 27.69 4.06
N GLU B 113 3.54 27.64 5.27
CA GLU B 113 3.50 28.80 6.16
C GLU B 113 3.58 28.27 7.59
N PRO B 114 4.78 28.04 8.10
CA PRO B 114 4.92 27.46 9.45
C PRO B 114 4.26 28.34 10.50
N ARG B 115 3.51 27.71 11.38
CA ARG B 115 2.75 28.41 12.41
C ARG B 115 3.52 28.58 13.71
N SER B 116 4.64 27.89 13.86
CA SER B 116 5.51 27.98 15.02
C SER B 116 6.84 27.35 14.63
N ASP B 117 7.77 27.31 15.58
CA ASP B 117 9.02 26.60 15.35
C ASP B 117 8.83 25.09 15.32
N ARG B 118 7.68 24.57 15.73
CA ARG B 118 7.50 23.14 15.99
C ARG B 118 6.37 22.57 15.14
N PHE B 119 6.73 21.91 14.04
CA PHE B 119 5.72 21.27 13.21
C PHE B 119 4.93 20.23 13.99
N ASP B 120 5.59 19.53 14.93
CA ASP B 120 4.91 18.42 15.58
C ASP B 120 3.86 18.91 16.57
N LYS B 121 4.10 20.06 17.20
CA LYS B 121 3.07 20.62 18.07
C LYS B 121 1.88 21.13 17.26
N ASP B 122 2.12 21.66 16.06
CA ASP B 122 1.05 22.26 15.28
C ASP B 122 0.22 21.22 14.55
N CYS B 123 0.81 20.10 14.13
CA CYS B 123 0.15 19.17 13.23
C CYS B 123 -0.36 17.90 13.91
N PHE B 124 0.05 17.63 15.15
CA PHE B 124 -0.25 16.35 15.79
C PHE B 124 -0.70 16.58 17.23
N LEU B 125 -1.44 15.61 17.75
CA LEU B 125 -1.86 15.64 19.14
C LEU B 125 -0.89 14.94 20.08
N VAL B 126 -0.23 13.89 19.61
CA VAL B 126 0.47 12.96 20.51
C VAL B 126 1.66 13.63 21.19
N GLY B 127 2.33 14.58 20.53
CA GLY B 127 3.46 15.25 21.16
C GLY B 127 3.07 16.00 22.43
N THR B 128 1.91 16.65 22.40
CA THR B 128 1.42 17.31 23.61
C THR B 128 1.12 16.29 24.69
N LEU B 129 0.53 15.15 24.33
CA LEU B 129 0.31 14.08 25.30
C LEU B 129 1.62 13.61 25.89
N CYS B 130 2.67 13.51 25.07
CA CYS B 130 3.97 13.11 25.60
C CYS B 130 4.58 14.19 26.48
N ASP B 131 4.48 15.46 26.06
CA ASP B 131 5.02 16.54 26.87
C ASP B 131 4.42 16.59 28.27
N ASP B 132 3.15 16.22 28.42
CA ASP B 132 2.47 16.23 29.71
C ASP B 132 2.41 14.87 30.38
N LEU B 133 3.14 13.88 29.84
CA LEU B 133 3.24 12.54 30.43
C LEU B 133 1.86 11.91 30.63
N LYS B 134 1.00 12.09 29.63
CA LYS B 134 -0.40 11.69 29.73
C LYS B 134 -0.59 10.21 29.44
N SER B 135 -1.63 9.64 30.05
CA SER B 135 -2.14 8.35 29.62
C SER B 135 -2.91 8.51 28.31
N PRO B 136 -2.83 7.54 27.40
CA PRO B 136 -3.72 7.57 26.22
C PRO B 136 -5.14 7.15 26.52
N ARG B 137 -5.42 6.67 27.73
CA ARG B 137 -6.75 6.25 28.12
C ARG B 137 -7.20 7.05 29.34
N GLN B 138 -8.48 7.41 29.35
CA GLN B 138 -9.09 7.95 30.56
C GLN B 138 -9.10 6.86 31.64
N LEU B 139 -9.41 7.28 32.86
CA LEU B 139 -9.44 6.32 33.98
C LEU B 139 -10.46 5.21 33.74
N ASN B 140 -11.55 5.50 33.03
CA ASN B 140 -12.57 4.50 32.75
C ASN B 140 -12.15 3.51 31.66
N GLY B 141 -11.01 3.73 31.01
CA GLY B 141 -10.50 2.83 30.00
C GLY B 141 -10.65 3.32 28.57
N GLU B 142 -11.45 4.34 28.33
CA GLU B 142 -11.65 4.82 26.97
C GLU B 142 -10.37 5.44 26.43
N LEU B 143 -9.96 4.99 25.24
CA LEU B 143 -8.89 5.68 24.52
C LEU B 143 -9.33 7.10 24.19
N PHE B 144 -8.36 8.03 24.19
CA PHE B 144 -8.70 9.43 23.99
C PHE B 144 -9.28 9.71 22.61
N GLU B 145 -9.03 8.81 21.64
CA GLU B 145 -9.51 9.04 20.27
C GLU B 145 -11.02 9.15 20.21
N GLY B 146 -11.74 8.45 21.09
CA GLY B 146 -13.19 8.43 21.01
C GLY B 146 -13.83 9.79 21.19
N GLY B 147 -13.16 10.71 21.88
CA GLY B 147 -13.69 12.04 22.12
C GLY B 147 -13.33 13.08 21.10
N LEU B 148 -12.56 12.72 20.07
CA LEU B 148 -12.11 13.69 19.07
C LEU B 148 -13.20 14.01 18.05
N THR B 162 -11.04 2.28 11.34
CA THR B 162 -9.84 1.97 12.09
C THR B 162 -9.36 3.20 12.86
N THR B 163 -8.12 3.19 13.34
CA THR B 163 -7.62 4.20 14.24
C THR B 163 -6.58 5.09 13.56
N GLN B 164 -6.52 6.34 14.02
CA GLN B 164 -5.49 7.28 13.60
CA GLN B 164 -5.46 7.23 13.57
C GLN B 164 -4.21 7.14 14.44
N PHE B 165 -4.26 6.36 15.53
CA PHE B 165 -3.14 6.26 16.48
C PHE B 165 -2.72 4.80 16.66
N PRO B 166 -1.93 4.27 15.73
CA PRO B 166 -1.44 2.87 15.86
C PRO B 166 -0.28 2.76 16.85
N TYR B 167 -0.61 2.80 18.14
CA TYR B 167 0.39 2.90 19.20
C TYR B 167 1.04 1.54 19.47
N ALA B 168 2.04 1.54 20.35
CA ALA B 168 2.76 0.32 20.72
C ALA B 168 3.04 0.37 22.22
N TYR B 169 4.05 -0.38 22.67
CA TYR B 169 4.27 -0.58 24.08
C TYR B 169 5.75 -0.54 24.42
N HIS B 170 6.02 -0.24 25.69
CA HIS B 170 7.28 -0.57 26.35
C HIS B 170 7.01 -1.71 27.32
N PHE B 171 8.00 -2.57 27.53
CA PHE B 171 7.84 -3.62 28.53
C PHE B 171 9.19 -4.15 28.97
N ASP B 172 9.19 -4.88 30.08
CA ASP B 172 10.37 -5.58 30.57
C ASP B 172 10.61 -6.81 29.70
N ALA B 173 11.78 -6.88 29.06
CA ALA B 173 12.06 -7.96 28.12
C ALA B 173 12.03 -9.33 28.80
N THR B 174 12.52 -9.41 30.02
CA THR B 174 12.51 -10.67 30.76
C THR B 174 11.10 -11.11 31.09
N LEU B 175 10.28 -10.18 31.62
CA LEU B 175 8.94 -10.53 32.04
C LEU B 175 8.06 -10.93 30.85
N VAL B 176 8.22 -10.25 29.72
CA VAL B 176 7.45 -10.61 28.52
C VAL B 176 7.78 -12.02 28.07
N ALA B 177 9.07 -12.36 28.04
CA ALA B 177 9.47 -13.71 27.65
C ALA B 177 8.91 -14.74 28.62
N ASN B 178 9.04 -14.47 29.93
CA ASN B 178 8.45 -15.36 30.94
C ASN B 178 6.95 -15.50 30.73
N TYR B 179 6.27 -14.39 30.42
CA TYR B 179 4.83 -14.41 30.23
C TYR B 179 4.45 -15.29 29.03
N LEU B 180 5.16 -15.12 27.92
CA LEU B 180 4.86 -15.93 26.73
C LEU B 180 5.26 -17.38 26.94
N ARG B 181 6.35 -17.62 27.68
CA ARG B 181 6.72 -18.98 28.06
C ARG B 181 5.58 -19.67 28.82
N ASP B 182 5.04 -19.01 29.84
CA ASP B 182 3.91 -19.58 30.58
C ASP B 182 2.70 -19.79 29.67
N TYR B 183 2.44 -18.83 28.79
CA TYR B 183 1.34 -18.96 27.84
C TYR B 183 1.51 -20.20 26.96
N ALA B 184 2.72 -20.41 26.44
CA ALA B 184 2.95 -21.48 25.48
C ALA B 184 3.05 -22.84 26.14
N VAL B 185 3.70 -22.91 27.31
CA VAL B 185 3.80 -24.18 28.03
C VAL B 185 2.43 -24.63 28.52
N ALA B 186 1.59 -23.68 28.92
CA ALA B 186 0.22 -24.02 29.32
C ALA B 186 -0.57 -24.61 28.16
N ARG B 187 -0.18 -24.27 26.92
CA ARG B 187 -0.84 -24.75 25.72
C ARG B 187 -0.09 -25.89 25.04
N GLY B 188 0.76 -26.59 25.77
CA GLY B 188 1.33 -27.84 25.29
C GLY B 188 2.72 -27.77 24.70
N VAL B 189 3.41 -26.64 24.76
CA VAL B 189 4.77 -26.57 24.25
C VAL B 189 5.70 -27.29 25.22
N LYS B 190 6.57 -28.13 24.68
CA LYS B 190 7.56 -28.86 25.46
C LYS B 190 8.79 -27.98 25.64
N HIS B 191 9.10 -27.63 26.89
CA HIS B 191 10.22 -26.76 27.21
C HIS B 191 11.41 -27.59 27.66
N VAL B 192 12.51 -27.51 26.93
CA VAL B 192 13.73 -28.25 27.24
C VAL B 192 14.81 -27.25 27.62
N LEU B 193 15.37 -27.42 28.82
CA LEU B 193 16.45 -26.57 29.32
C LEU B 193 17.77 -27.32 29.09
N ASP B 194 18.48 -26.93 28.04
CA ASP B 194 19.69 -27.64 27.62
C ASP B 194 20.38 -26.80 26.56
N ASP B 195 21.64 -27.14 26.30
CA ASP B 195 22.40 -26.47 25.26
C ASP B 195 22.47 -27.35 24.02
N VAL B 196 22.15 -26.79 22.87
CA VAL B 196 22.48 -27.41 21.60
C VAL B 196 23.99 -27.34 21.43
N GLN B 197 24.63 -28.50 21.31
CA GLN B 197 26.08 -28.56 21.18
C GLN B 197 26.54 -28.88 19.77
N ASP B 198 25.64 -29.30 18.89
CA ASP B 198 25.99 -29.60 17.52
C ASP B 198 24.71 -29.65 16.71
N VAL B 199 24.84 -29.45 15.41
CA VAL B 199 23.72 -29.53 14.48
C VAL B 199 24.11 -30.52 13.39
N ALA B 200 23.32 -31.57 13.25
CA ALA B 200 23.56 -32.58 12.23
C ALA B 200 22.75 -32.26 10.98
N LEU B 201 23.34 -32.50 9.81
CA LEU B 201 22.70 -32.31 8.53
C LEU B 201 22.59 -33.65 7.81
N ASP B 202 21.56 -33.79 6.99
CA ASP B 202 21.46 -35.00 6.18
C ASP B 202 22.24 -34.78 4.87
N ASP B 203 22.19 -35.78 3.98
CA ASP B 203 22.97 -35.69 2.74
C ASP B 203 22.59 -34.47 1.92
N ARG B 204 21.30 -34.12 1.89
CA ARG B 204 20.84 -32.95 1.14
C ARG B 204 21.25 -31.62 1.77
N GLY B 205 21.76 -31.63 3.00
CA GLY B 205 22.01 -30.40 3.70
C GLY B 205 20.85 -29.87 4.51
N TRP B 206 19.77 -30.64 4.65
CA TRP B 206 18.71 -30.30 5.58
C TRP B 206 19.13 -30.67 7.00
N ILE B 207 18.60 -29.95 7.98
CA ILE B 207 18.88 -30.30 9.37
C ILE B 207 18.22 -31.62 9.69
N SER B 208 18.99 -32.58 10.21
CA SER B 208 18.44 -33.85 10.64
C SER B 208 18.10 -33.88 12.12
N HIS B 209 18.95 -33.29 12.96
CA HIS B 209 18.66 -33.19 14.38
C HIS B 209 19.63 -32.19 15.00
N VAL B 210 19.30 -31.74 16.20
CA VAL B 210 20.22 -30.95 17.02
C VAL B 210 20.68 -31.83 18.17
N VAL B 211 21.97 -31.76 18.47
CA VAL B 211 22.57 -32.55 19.54
C VAL B 211 22.55 -31.71 20.81
N THR B 212 22.03 -32.27 21.90
CA THR B 212 21.95 -31.54 23.15
C THR B 212 22.92 -32.12 24.18
N GLY B 213 23.12 -31.35 25.25
CA GLY B 213 24.06 -31.78 26.28
C GLY B 213 23.60 -33.01 27.03
N GLU B 214 22.32 -33.07 27.39
CA GLU B 214 21.83 -34.20 28.16
C GLU B 214 20.40 -34.62 27.81
N SER B 215 19.82 -34.10 26.74
CA SER B 215 18.44 -34.43 26.37
C SER B 215 18.34 -35.33 25.14
N GLY B 216 19.47 -35.85 24.66
CA GLY B 216 19.47 -36.62 23.42
C GLY B 216 19.37 -35.73 22.20
N ASN B 217 19.26 -36.38 21.04
CA ASN B 217 19.06 -35.65 19.80
C ASN B 217 17.60 -35.22 19.69
N LEU B 218 17.38 -33.96 19.30
CA LEU B 218 16.04 -33.43 19.10
C LEU B 218 15.81 -33.26 17.60
N THR B 219 14.65 -33.70 17.12
CA THR B 219 14.35 -33.58 15.71
C THR B 219 12.90 -33.17 15.54
N GLY B 220 12.58 -32.76 14.32
CA GLY B 220 11.23 -32.36 13.97
C GLY B 220 11.20 -32.05 12.49
N ASP B 221 10.02 -31.69 12.01
CA ASP B 221 9.87 -31.35 10.60
C ASP B 221 10.55 -30.02 10.28
N LEU B 222 10.41 -29.05 11.16
CA LEU B 222 10.87 -27.68 10.94
C LEU B 222 11.66 -27.22 12.14
N PHE B 223 12.81 -26.61 11.91
CA PHE B 223 13.65 -26.06 12.96
C PHE B 223 13.64 -24.54 12.85
N ILE B 224 13.42 -23.87 13.98
CA ILE B 224 13.42 -22.41 14.03
C ILE B 224 14.66 -21.96 14.79
N ASP B 225 15.53 -21.23 14.10
CA ASP B 225 16.76 -20.72 14.71
C ASP B 225 16.44 -19.41 15.43
N CYS B 226 16.33 -19.47 16.75
CA CYS B 226 16.14 -18.28 17.58
C CYS B 226 17.31 -18.12 18.55
N THR B 227 18.53 -18.44 18.09
CA THR B 227 19.69 -18.42 18.96
C THR B 227 20.37 -17.06 19.05
N GLY B 228 19.82 -16.03 18.42
CA GLY B 228 20.39 -14.69 18.52
C GLY B 228 21.41 -14.40 17.42
N PHE B 229 22.24 -13.38 17.68
CA PHE B 229 23.27 -12.98 16.71
C PHE B 229 24.11 -14.17 16.24
N ARG B 230 24.40 -15.10 17.15
CA ARG B 230 25.29 -16.22 16.84
C ARG B 230 24.72 -17.14 15.75
N SER B 231 23.40 -17.14 15.56
CA SER B 231 22.74 -17.86 14.47
C SER B 231 23.33 -19.26 14.28
N LEU B 232 23.15 -20.13 15.27
CA LEU B 232 23.86 -21.42 15.29
C LEU B 232 23.36 -22.36 14.21
N LEU B 233 22.11 -22.23 13.77
CA LEU B 233 21.57 -23.14 12.78
C LEU B 233 21.71 -22.59 11.37
N LEU B 234 21.23 -21.35 11.16
CA LEU B 234 21.20 -20.80 9.80
C LEU B 234 22.58 -20.29 9.39
N GLY B 235 23.16 -19.40 10.20
CA GLY B 235 24.44 -18.82 9.81
C GLY B 235 25.60 -19.76 9.98
N LYS B 236 25.55 -20.64 10.98
CA LYS B 236 26.68 -21.50 11.31
C LYS B 236 26.54 -22.87 10.65
N ALA B 237 25.58 -23.67 11.10
CA ALA B 237 25.44 -25.04 10.59
C ALA B 237 25.16 -25.06 9.09
N LEU B 238 24.24 -24.20 8.62
CA LEU B 238 23.90 -24.17 7.22
C LEU B 238 24.77 -23.20 6.42
N ALA B 239 25.65 -22.46 7.09
CA ALA B 239 26.63 -21.59 6.45
C ALA B 239 25.96 -20.60 5.49
N GLU B 240 24.79 -20.12 5.86
CA GLU B 240 24.08 -19.19 4.99
C GLU B 240 24.78 -17.84 5.00
N PRO B 241 25.14 -17.29 3.85
CA PRO B 241 25.86 -16.01 3.83
C PRO B 241 25.01 -14.90 4.44
N PHE B 242 25.71 -13.92 5.02
CA PHE B 242 25.10 -12.80 5.71
C PHE B 242 25.48 -11.52 5.01
N GLN B 243 24.48 -10.70 4.69
CA GLN B 243 24.70 -9.42 4.01
C GLN B 243 24.82 -8.33 5.06
N SER B 244 26.03 -7.80 5.25
CA SER B 244 26.23 -6.73 6.22
C SER B 244 25.59 -5.43 5.74
N TYR B 245 24.99 -4.69 6.68
CA TYR B 245 24.56 -3.32 6.47
C TYR B 245 25.56 -2.30 7.02
N GLN B 246 26.68 -2.76 7.58
CA GLN B 246 27.49 -1.90 8.45
C GLN B 246 28.14 -0.75 7.69
N ASP B 247 28.45 -0.94 6.40
CA ASP B 247 29.07 0.15 5.65
C ASP B 247 28.16 1.36 5.54
N SER B 248 26.83 1.16 5.59
CA SER B 248 25.89 2.25 5.43
C SER B 248 25.46 2.86 6.76
N LEU B 249 25.67 2.17 7.89
CA LEU B 249 25.18 2.68 9.15
C LEU B 249 26.32 2.86 10.17
N PRO B 250 26.25 3.89 11.01
CA PRO B 250 27.41 4.22 11.85
C PRO B 250 27.69 3.21 12.97
N ASN B 251 26.68 2.58 13.55
CA ASN B 251 26.80 1.99 14.88
C ASN B 251 26.94 0.47 14.85
N ASP B 252 27.85 -0.04 15.69
CA ASP B 252 28.11 -1.47 15.78
C ASP B 252 28.07 -2.01 17.20
N SER B 253 27.83 -1.17 18.21
CA SER B 253 28.00 -1.56 19.59
C SER B 253 26.92 -0.92 20.46
N ALA B 254 26.78 -1.44 21.67
CA ALA B 254 25.86 -0.87 22.64
C ALA B 254 26.30 -1.22 24.05
N VAL B 255 25.91 -0.37 25.00
CA VAL B 255 26.01 -0.68 26.42
C VAL B 255 24.68 -0.28 27.05
N ALA B 256 24.10 -1.20 27.83
CA ALA B 256 22.74 -1.02 28.32
C ALA B 256 22.69 -1.14 29.83
N LEU B 257 21.68 -0.50 30.42
CA LEU B 257 21.47 -0.57 31.86
C LEU B 257 19.98 -0.76 32.14
N ARG B 258 19.69 -1.44 33.25
CA ARG B 258 18.38 -1.42 33.87
C ARG B 258 18.51 -0.59 35.14
N VAL B 259 17.74 0.48 35.24
CA VAL B 259 17.93 1.44 36.33
C VAL B 259 16.65 1.66 37.10
N PRO B 260 16.49 1.06 38.27
CA PRO B 260 15.34 1.39 39.13
C PRO B 260 15.31 2.88 39.46
N GLN B 261 14.11 3.44 39.46
CA GLN B 261 13.90 4.84 39.81
C GLN B 261 12.52 4.99 40.41
N ASP B 262 12.33 6.09 41.15
CA ASP B 262 11.01 6.46 41.61
C ASP B 262 10.19 6.96 40.43
N MET B 263 9.46 6.05 39.76
CA MET B 263 8.74 6.44 38.56
C MET B 263 7.50 7.26 38.88
N GLU B 264 7.00 7.22 40.12
CA GLU B 264 5.96 8.16 40.52
C GLU B 264 6.46 9.58 40.46
N ASN B 265 7.69 9.81 40.94
CA ASN B 265 8.25 11.15 40.92
C ASN B 265 8.66 11.56 39.51
N ARG B 266 9.23 10.63 38.74
CA ARG B 266 9.64 10.97 37.38
C ARG B 266 8.44 11.08 36.44
N GLY B 267 7.41 10.29 36.67
CA GLY B 267 6.34 10.14 35.71
C GLY B 267 6.69 9.12 34.65
N LEU B 268 5.69 8.74 33.86
CA LEU B 268 5.82 7.78 32.78
C LEU B 268 5.48 8.50 31.48
N ARG B 269 6.49 9.02 30.80
CA ARG B 269 6.24 9.66 29.52
C ARG B 269 5.88 8.58 28.50
N PRO B 270 4.73 8.71 27.79
CA PRO B 270 4.29 7.68 26.86
C PRO B 270 5.07 7.65 25.55
N CYS B 271 6.40 7.60 25.67
CA CYS B 271 7.25 7.53 24.48
C CYS B 271 8.61 6.98 24.87
N THR B 272 9.32 6.51 23.85
CA THR B 272 10.75 6.28 23.94
C THR B 272 11.46 7.59 23.60
N THR B 273 12.51 7.90 24.35
CA THR B 273 13.35 9.05 24.02
C THR B 273 14.66 8.55 23.43
N ALA B 274 15.09 9.20 22.35
CA ALA B 274 16.32 8.86 21.64
C ALA B 274 17.17 10.12 21.59
N THR B 275 18.19 10.19 22.46
CA THR B 275 18.97 11.41 22.65
C THR B 275 20.32 11.24 21.95
N ALA B 276 20.50 11.99 20.86
CA ALA B 276 21.73 11.90 20.08
C ALA B 276 22.93 12.31 20.93
N GLN B 277 24.03 11.60 20.74
CA GLN B 277 25.27 11.78 21.48
C GLN B 277 26.41 12.09 20.51
N GLU B 278 27.64 12.16 21.05
CA GLU B 278 28.78 12.50 20.22
C GLU B 278 29.08 11.41 19.19
N ALA B 279 28.78 10.15 19.51
CA ALA B 279 29.13 9.03 18.63
C ALA B 279 28.01 7.98 18.62
N GLY B 280 26.78 8.43 18.62
CA GLY B 280 25.63 7.54 18.60
C GLY B 280 24.44 8.23 19.26
N TRP B 281 23.68 7.46 20.03
CA TRP B 281 22.50 7.99 20.67
C TRP B 281 22.13 7.09 21.85
N ILE B 282 21.42 7.68 22.81
CA ILE B 282 21.04 7.00 24.04
C ILE B 282 19.52 6.84 24.06
N TRP B 283 19.06 5.65 24.39
CA TRP B 283 17.62 5.41 24.54
C TRP B 283 17.21 5.50 26.00
N THR B 284 16.00 6.00 26.22
CA THR B 284 15.35 5.98 27.53
C THR B 284 13.97 5.38 27.33
N ILE B 285 13.71 4.28 28.03
CA ILE B 285 12.44 3.56 27.93
C ILE B 285 11.83 3.48 29.32
N PRO B 286 10.72 4.17 29.57
CA PRO B 286 10.11 4.14 30.91
C PRO B 286 9.21 2.92 31.07
N LEU B 287 9.50 2.11 32.08
CA LEU B 287 8.63 1.05 32.55
C LEU B 287 8.00 1.49 33.86
N PHE B 288 7.11 0.66 34.41
CA PHE B 288 6.34 1.12 35.56
C PHE B 288 7.22 1.36 36.77
N ASP B 289 8.31 0.60 36.94
CA ASP B 289 9.14 0.71 38.14
C ASP B 289 10.61 1.01 37.86
N ARG B 290 10.97 1.22 36.59
CA ARG B 290 12.36 1.50 36.24
C ARG B 290 12.41 2.06 34.83
N ILE B 291 13.61 2.44 34.41
CA ILE B 291 13.88 2.75 33.01
C ILE B 291 14.81 1.69 32.46
N GLY B 292 14.65 1.41 31.16
CA GLY B 292 15.67 0.75 30.38
C GLY B 292 16.40 1.83 29.60
N THR B 293 17.73 1.75 29.59
CA THR B 293 18.51 2.81 28.96
C THR B 293 19.79 2.22 28.40
N GLY B 294 20.27 2.84 27.32
CA GLY B 294 21.46 2.33 26.66
C GLY B 294 22.01 3.33 25.67
N TYR B 295 23.31 3.18 25.40
CA TYR B 295 24.04 4.00 24.42
C TYR B 295 24.38 3.10 23.24
N VAL B 296 23.77 3.37 22.09
CA VAL B 296 24.12 2.73 20.82
C VAL B 296 25.19 3.58 20.16
N TYR B 297 26.32 2.97 19.79
CA TYR B 297 27.47 3.76 19.40
C TYR B 297 28.34 3.03 18.38
N ALA B 298 29.28 3.77 17.83
CA ALA B 298 30.24 3.26 16.85
C ALA B 298 31.59 3.08 17.54
N GLY B 299 32.07 1.84 17.61
CA GLY B 299 33.32 1.54 18.29
C GLY B 299 34.53 2.19 17.66
N ASP B 300 34.46 2.53 16.37
CA ASP B 300 35.58 3.21 15.72
C ASP B 300 35.78 4.62 16.26
N TYR B 301 34.76 5.22 16.85
CA TYR B 301 34.82 6.61 17.31
C TYR B 301 34.99 6.73 18.81
N ILE B 302 34.53 5.74 19.57
CA ILE B 302 34.49 5.83 21.02
C ILE B 302 34.68 4.44 21.61
N SER B 303 35.35 4.36 22.76
CA SER B 303 35.61 3.08 23.40
C SER B 303 34.40 2.61 24.19
N PRO B 304 34.29 1.30 24.44
CA PRO B 304 33.19 0.82 25.30
C PRO B 304 33.24 1.41 26.70
N GLU B 305 34.45 1.65 27.22
CA GLU B 305 34.58 2.29 28.53
C GLU B 305 34.03 3.71 28.49
N GLU B 306 34.32 4.44 27.42
CA GLU B 306 33.83 5.82 27.32
C GLU B 306 32.33 5.86 27.05
N ALA B 307 31.81 4.88 26.29
CA ALA B 307 30.38 4.78 26.10
C ALA B 307 29.68 4.51 27.44
N GLU B 308 30.24 3.61 28.26
CA GLU B 308 29.64 3.35 29.55
C GLU B 308 29.71 4.57 30.46
N ARG B 309 30.86 5.26 30.49
CA ARG B 309 30.96 6.46 31.30
C ARG B 309 29.95 7.51 30.88
N THR B 310 29.76 7.69 29.57
CA THR B 310 28.79 8.65 29.07
C THR B 310 27.36 8.27 29.46
N LEU B 311 27.02 6.99 29.32
CA LEU B 311 25.68 6.54 29.68
C LEU B 311 25.41 6.73 31.17
N ARG B 312 26.36 6.32 32.02
CA ARG B 312 26.17 6.46 33.46
C ARG B 312 25.99 7.93 33.86
N ALA B 313 26.76 8.83 33.26
CA ALA B 313 26.63 10.24 33.58
C ALA B 313 25.30 10.80 33.11
N PHE B 314 24.86 10.40 31.92
CA PHE B 314 23.56 10.83 31.41
C PHE B 314 22.44 10.42 32.35
N VAL B 315 22.48 9.19 32.87
CA VAL B 315 21.42 8.70 33.74
C VAL B 315 21.48 9.35 35.11
N GLY B 316 22.69 9.51 35.67
CA GLY B 316 22.84 10.12 36.97
C GLY B 316 23.11 9.10 38.07
N PRO B 317 22.96 9.53 39.33
CA PRO B 317 23.35 8.66 40.45
C PRO B 317 22.54 7.38 40.56
N ALA B 318 21.37 7.29 39.92
CA ALA B 318 20.59 6.06 39.98
C ALA B 318 21.29 4.91 39.27
N ALA B 319 22.21 5.20 38.35
CA ALA B 319 22.92 4.16 37.62
C ALA B 319 24.07 3.55 38.43
N GLU B 320 24.35 4.05 39.63
CA GLU B 320 25.49 3.54 40.39
C GLU B 320 25.32 2.08 40.78
N HIS B 321 24.09 1.62 40.95
CA HIS B 321 23.82 0.26 41.37
C HIS B 321 23.63 -0.71 40.20
N ALA B 322 23.68 -0.23 38.96
CA ALA B 322 23.33 -1.02 37.80
C ALA B 322 24.56 -1.55 37.09
N ASP B 323 24.51 -2.81 36.67
CA ASP B 323 25.60 -3.43 35.93
C ASP B 323 25.44 -3.20 34.44
N ALA B 324 26.56 -2.90 33.77
CA ALA B 324 26.53 -2.62 32.35
C ALA B 324 26.44 -3.89 31.52
N ASN B 325 25.62 -3.85 30.48
CA ASN B 325 25.47 -4.94 29.54
C ASN B 325 26.10 -4.48 28.23
N HIS B 326 27.32 -4.96 27.95
CA HIS B 326 28.05 -4.58 26.75
C HIS B 326 27.73 -5.54 25.61
N ILE B 327 27.36 -4.99 24.46
CA ILE B 327 26.81 -5.77 23.35
C ILE B 327 27.54 -5.39 22.06
N LYS B 328 27.95 -6.40 21.31
CA LYS B 328 28.43 -6.22 19.95
C LYS B 328 27.30 -6.60 19.00
N MET B 329 26.87 -5.65 18.17
CA MET B 329 25.71 -5.87 17.30
C MET B 329 26.16 -6.47 15.97
N ARG B 330 25.33 -7.37 15.43
CA ARG B 330 25.51 -7.86 14.07
C ARG B 330 24.49 -7.15 13.19
N ILE B 331 24.97 -6.23 12.36
CA ILE B 331 24.12 -5.33 11.60
C ILE B 331 24.07 -5.80 10.16
N GLY B 332 22.90 -6.20 9.71
CA GLY B 332 22.73 -6.74 8.36
C GLY B 332 21.58 -7.71 8.33
N ARG B 333 21.55 -8.52 7.28
CA ARG B 333 20.51 -9.52 7.14
C ARG B 333 21.07 -10.75 6.43
N SER B 334 20.53 -11.91 6.79
CA SER B 334 20.86 -13.12 6.06
C SER B 334 20.43 -12.99 4.61
N ASN B 335 21.18 -13.65 3.71
CA ASN B 335 20.78 -13.74 2.31
C ASN B 335 19.39 -14.36 2.20
N ARG B 336 19.18 -15.46 2.90
CA ARG B 336 17.91 -16.15 2.94
C ARG B 336 17.60 -16.49 4.39
N HIS B 337 16.32 -16.44 4.72
CA HIS B 337 15.91 -16.63 6.11
C HIS B 337 15.24 -17.95 6.36
N TRP B 338 14.61 -18.52 5.32
CA TRP B 338 14.12 -19.89 5.32
C TRP B 338 14.96 -20.65 4.30
N VAL B 339 15.77 -21.58 4.78
CA VAL B 339 16.60 -22.43 3.96
C VAL B 339 16.30 -23.88 4.33
N ASN B 340 15.95 -24.69 3.34
CA ASN B 340 15.60 -26.09 3.56
C ASN B 340 14.52 -26.19 4.65
N ASN B 341 14.81 -26.84 5.78
CA ASN B 341 13.84 -26.97 6.86
C ASN B 341 14.20 -26.11 8.07
N CYS B 342 14.85 -24.97 7.83
CA CYS B 342 15.28 -24.09 8.90
C CYS B 342 14.83 -22.67 8.59
N VAL B 343 14.20 -22.02 9.57
CA VAL B 343 13.79 -20.63 9.47
C VAL B 343 14.40 -19.87 10.64
N ALA B 344 15.11 -18.77 10.36
CA ALA B 344 15.65 -17.95 11.42
C ALA B 344 14.63 -16.88 11.82
N VAL B 345 14.47 -16.69 13.13
CA VAL B 345 13.56 -15.70 13.67
C VAL B 345 14.30 -14.94 14.75
N GLY B 346 14.28 -13.62 14.68
CA GLY B 346 14.97 -12.81 15.67
C GLY B 346 16.31 -12.31 15.15
N LEU B 347 17.21 -12.05 16.10
CA LEU B 347 18.53 -11.53 15.76
C LEU B 347 19.33 -12.49 14.87
N SER B 348 18.98 -13.77 14.87
CA SER B 348 19.61 -14.74 13.97
C SER B 348 19.30 -14.47 12.51
N SER B 349 18.20 -13.78 12.22
CA SER B 349 17.76 -13.47 10.86
C SER B 349 18.38 -12.17 10.36
N GLY B 350 18.47 -11.18 11.22
CA GLY B 350 19.01 -9.90 10.81
C GLY B 350 18.70 -8.88 11.87
N PHE B 351 19.27 -7.69 11.69
CA PHE B 351 19.12 -6.65 12.69
C PHE B 351 19.63 -5.33 12.13
N VAL B 352 18.89 -4.26 12.43
CA VAL B 352 19.28 -2.91 12.13
C VAL B 352 19.22 -2.14 13.45
N GLU B 353 19.76 -0.94 13.44
CA GLU B 353 19.84 -0.07 14.61
C GLU B 353 18.57 -0.05 15.45
N PRO B 354 18.68 -0.08 16.79
CA PRO B 354 17.49 -0.04 17.65
C PRO B 354 16.73 1.28 17.59
N LEU B 355 17.13 2.19 16.70
CA LEU B 355 16.66 3.57 16.75
C LEU B 355 15.16 3.68 16.56
N GLU B 356 14.58 2.84 15.70
CA GLU B 356 13.14 2.86 15.47
C GLU B 356 12.43 1.63 16.01
N SER B 357 13.09 0.90 16.92
CA SER B 357 12.51 -0.26 17.63
C SER B 357 11.80 -1.20 16.65
N THR B 358 12.62 -1.89 15.86
CA THR B 358 12.12 -2.79 14.82
C THR B 358 12.48 -4.25 15.05
N GLY B 359 13.25 -4.58 16.09
CA GLY B 359 13.64 -5.98 16.28
C GLY B 359 12.47 -6.89 16.54
N ILE B 360 11.57 -6.48 17.43
CA ILE B 360 10.40 -7.31 17.73
C ILE B 360 9.40 -7.24 16.58
N PHE B 361 9.37 -6.11 15.85
CA PHE B 361 8.61 -6.04 14.61
C PHE B 361 9.10 -7.09 13.61
N PHE B 362 10.42 -7.21 13.43
CA PHE B 362 10.96 -8.24 12.54
C PHE B 362 10.51 -9.64 12.99
N ILE B 363 10.54 -9.90 14.30
CA ILE B 363 10.11 -11.20 14.82
C ILE B 363 8.64 -11.45 14.48
N GLN B 364 7.78 -10.48 14.77
CA GLN B 364 6.36 -10.65 14.51
C GLN B 364 6.10 -10.86 13.02
N HIS B 365 6.74 -10.07 12.17
CA HIS B 365 6.60 -10.26 10.74
C HIS B 365 7.05 -11.67 10.33
N ALA B 366 8.21 -12.10 10.85
CA ALA B 366 8.74 -13.41 10.49
C ALA B 366 7.80 -14.54 10.88
N ILE B 367 7.20 -14.46 12.06
CA ILE B 367 6.33 -15.56 12.48
C ILE B 367 4.96 -15.47 11.82
N GLU B 368 4.46 -14.25 11.61
CA GLU B 368 3.20 -14.10 10.88
C GLU B 368 3.33 -14.65 9.46
N GLN B 369 4.43 -14.33 8.78
CA GLN B 369 4.61 -14.81 7.42
C GLN B 369 4.98 -16.27 7.38
N LEU B 370 5.60 -16.80 8.43
CA LEU B 370 5.87 -18.24 8.50
C LEU B 370 4.57 -19.02 8.55
N VAL B 371 3.61 -18.57 9.37
CA VAL B 371 2.30 -19.21 9.42
C VAL B 371 1.62 -19.10 8.06
N LYS B 372 1.67 -17.92 7.43
CA LYS B 372 1.00 -17.74 6.15
C LYS B 372 1.63 -18.63 5.06
N HIS B 373 2.95 -18.81 5.11
CA HIS B 373 3.67 -19.61 4.14
C HIS B 373 4.04 -21.00 4.68
N PHE B 374 3.31 -21.47 5.68
CA PHE B 374 3.68 -22.72 6.33
C PHE B 374 3.63 -23.86 5.32
N PRO B 375 4.63 -24.72 5.27
CA PRO B 375 4.65 -25.79 4.27
C PRO B 375 3.80 -26.97 4.70
N ASP B 376 3.50 -27.82 3.73
CA ASP B 376 3.11 -29.20 4.01
C ASP B 376 4.28 -30.11 3.63
N GLU B 377 4.07 -31.42 3.71
CA GLU B 377 5.18 -32.33 3.44
C GLU B 377 5.60 -32.34 1.98
N ARG B 378 4.98 -31.54 1.11
CA ARG B 378 5.51 -31.35 -0.24
C ARG B 378 6.63 -30.33 -0.28
N TRP B 379 6.75 -29.49 0.75
CA TRP B 379 7.83 -28.51 0.89
C TRP B 379 8.04 -27.71 -0.39
N ASP B 380 6.96 -27.12 -0.88
CA ASP B 380 7.02 -26.31 -2.10
C ASP B 380 8.06 -25.22 -1.93
N ASP B 381 9.12 -25.27 -2.75
CA ASP B 381 10.18 -24.27 -2.65
C ASP B 381 9.69 -22.86 -2.95
N GLY B 382 8.59 -22.72 -3.71
CA GLY B 382 8.03 -21.39 -3.94
C GLY B 382 7.65 -20.69 -2.66
N LEU B 383 7.28 -21.45 -1.62
CA LEU B 383 6.98 -20.83 -0.33
C LEU B 383 8.21 -20.19 0.27
N ARG B 384 9.37 -20.84 0.15
CA ARG B 384 10.61 -20.25 0.63
C ARG B 384 10.99 -19.01 -0.15
N THR B 385 10.88 -19.08 -1.48
CA THR B 385 11.20 -17.94 -2.33
C THR B 385 10.37 -16.71 -1.95
N ALA B 386 9.06 -16.91 -1.77
CA ALA B 386 8.18 -15.80 -1.41
C ALA B 386 8.51 -15.27 -0.02
N TYR B 387 8.67 -16.18 0.95
CA TYR B 387 8.99 -15.78 2.31
C TYR B 387 10.27 -14.98 2.37
N ASN B 388 11.33 -15.46 1.72
CA ASN B 388 12.61 -14.76 1.77
C ASN B 388 12.53 -13.38 1.13
N LYS B 389 11.74 -13.25 0.05
CA LYS B 389 11.58 -11.93 -0.57
C LYS B 389 10.88 -10.96 0.37
N LEU B 390 9.85 -11.44 1.08
CA LEU B 390 9.13 -10.58 2.02
C LEU B 390 10.03 -10.09 3.14
N VAL B 391 10.78 -11.01 3.75
CA VAL B 391 11.65 -10.63 4.86
C VAL B 391 12.77 -9.72 4.38
N ASN B 392 13.39 -10.04 3.23
CA ASN B 392 14.46 -9.19 2.72
C ASN B 392 13.96 -7.78 2.41
N ASN B 393 12.74 -7.68 1.86
CA ASN B 393 12.18 -6.36 1.57
C ASN B 393 11.90 -5.58 2.85
N VAL B 394 11.43 -6.26 3.89
CA VAL B 394 11.19 -5.58 5.16
C VAL B 394 12.49 -5.03 5.74
N MET B 395 13.53 -5.86 5.75
CA MET B 395 14.78 -5.42 6.37
C MET B 395 15.50 -4.39 5.52
N ASP B 396 15.46 -4.55 4.19
CA ASP B 396 16.07 -3.55 3.32
C ASP B 396 15.35 -2.20 3.44
N GLY B 397 14.02 -2.24 3.57
CA GLY B 397 13.27 -0.99 3.68
C GLY B 397 13.54 -0.27 4.99
N VAL B 398 13.58 -1.03 6.10
CA VAL B 398 13.91 -0.43 7.39
C VAL B 398 15.34 0.12 7.36
N ARG B 399 16.28 -0.61 6.76
CA ARG B 399 17.65 -0.11 6.65
C ARG B 399 17.69 1.24 5.93
N GLU B 400 16.97 1.35 4.82
CA GLU B 400 16.93 2.63 4.11
C GLU B 400 16.36 3.73 5.00
N PHE B 401 15.24 3.44 5.68
CA PHE B 401 14.63 4.43 6.58
C PHE B 401 15.64 4.89 7.62
N LEU B 402 16.44 3.97 8.17
N LEU B 402 16.42 3.97 8.18
CA LEU B 402 17.35 4.34 9.25
CA LEU B 402 17.36 4.33 9.24
C LEU B 402 18.55 5.12 8.72
C LEU B 402 18.54 5.13 8.71
N VAL B 403 19.02 4.79 7.51
CA VAL B 403 20.07 5.60 6.89
C VAL B 403 19.63 7.06 6.79
N VAL B 404 18.34 7.28 6.50
CA VAL B 404 17.80 8.63 6.39
C VAL B 404 17.88 9.37 7.73
N HIS B 405 17.77 8.64 8.85
CA HIS B 405 17.87 9.30 10.16
C HIS B 405 19.21 10.00 10.32
N TYR B 406 20.29 9.36 9.86
CA TYR B 406 21.61 9.95 10.01
C TYR B 406 21.91 10.91 8.87
N TYR B 407 21.46 10.60 7.66
CA TYR B 407 21.71 11.48 6.52
C TYR B 407 20.97 12.81 6.67
N ALA B 408 19.71 12.77 7.09
CA ALA B 408 18.88 13.96 7.17
C ALA B 408 19.05 14.74 8.48
N ALA B 409 19.70 14.17 9.48
CA ALA B 409 19.97 14.92 10.71
C ALA B 409 20.82 16.14 10.38
N LYS B 410 20.32 17.34 10.70
CA LYS B 410 21.01 18.56 10.30
C LYS B 410 22.41 18.65 10.89
N ARG B 411 22.62 18.14 12.11
CA ARG B 411 23.89 18.39 12.80
C ARG B 411 25.06 17.78 12.03
N GLN B 412 26.15 18.54 11.95
CA GLN B 412 27.41 18.08 11.38
C GLN B 412 28.57 18.65 12.20
N ASP B 413 28.45 18.51 13.52
CA ASP B 413 29.31 19.18 14.48
C ASP B 413 30.61 18.42 14.77
N ASN B 414 30.75 17.18 14.32
CA ASN B 414 31.99 16.45 14.54
C ASN B 414 32.17 15.43 13.43
N GLN B 415 33.27 14.68 13.51
CA GLN B 415 33.59 13.68 12.49
C GLN B 415 32.47 12.67 12.31
N TYR B 416 31.88 12.21 13.42
CA TYR B 416 30.84 11.19 13.36
C TYR B 416 29.60 11.68 12.62
N TRP B 417 29.11 12.86 12.99
CA TRP B 417 27.90 13.38 12.37
C TRP B 417 28.15 13.93 10.96
N LYS B 418 29.40 14.22 10.62
CA LYS B 418 29.72 14.52 9.23
C LYS B 418 29.81 13.25 8.40
N ASP B 419 30.45 12.21 8.93
CA ASP B 419 30.57 10.95 8.21
C ASP B 419 29.21 10.30 8.00
N ALA B 420 28.21 10.67 8.80
CA ALA B 420 26.86 10.13 8.65
C ALA B 420 26.21 10.54 7.33
N LYS B 421 26.77 11.51 6.61
CA LYS B 421 26.22 11.97 5.35
C LYS B 421 27.01 11.47 4.15
N THR B 422 28.09 10.73 4.38
CA THR B 422 29.00 10.35 3.30
C THR B 422 29.17 8.85 3.16
N ARG B 423 28.33 8.06 3.81
CA ARG B 423 28.38 6.62 3.66
C ARG B 423 27.59 6.19 2.43
N PRO B 424 27.90 5.01 1.86
CA PRO B 424 27.18 4.58 0.65
C PRO B 424 25.69 4.51 0.91
N LEU B 425 24.91 5.04 -0.03
CA LEU B 425 23.47 4.94 0.14
C LEU B 425 22.96 3.69 -0.57
N PRO B 426 21.94 3.04 -0.02
CA PRO B 426 21.37 1.87 -0.68
C PRO B 426 20.72 2.23 -2.01
N ASP B 427 20.53 1.21 -2.85
CA ASP B 427 19.95 1.41 -4.18
C ASP B 427 18.60 2.12 -4.09
N GLY B 428 18.43 3.15 -4.93
CA GLY B 428 17.18 3.88 -5.02
C GLY B 428 17.03 5.04 -4.07
N LEU B 429 17.82 5.09 -2.98
CA LEU B 429 17.58 6.12 -1.96
C LEU B 429 17.99 7.50 -2.47
N ALA B 430 19.07 7.60 -3.25
CA ALA B 430 19.48 8.90 -3.77
C ALA B 430 18.37 9.54 -4.58
N GLU B 431 17.71 8.75 -5.44
CA GLU B 431 16.58 9.27 -6.22
C GLU B 431 15.42 9.66 -5.32
N ARG B 432 15.18 8.90 -4.25
CA ARG B 432 14.05 9.23 -3.37
C ARG B 432 14.34 10.48 -2.54
N LEU B 433 15.60 10.66 -2.10
CA LEU B 433 15.96 11.89 -1.40
C LEU B 433 15.69 13.11 -2.26
N GLU B 434 15.94 13.01 -3.58
CA GLU B 434 15.65 14.12 -4.47
C GLU B 434 14.15 14.37 -4.56
N ARG B 435 13.35 13.31 -4.67
CA ARG B 435 11.90 13.49 -4.74
C ARG B 435 11.36 14.15 -3.49
N TRP B 436 11.86 13.76 -2.32
CA TRP B 436 11.37 14.29 -1.06
C TRP B 436 11.64 15.79 -0.92
N GLN B 437 12.64 16.32 -1.62
CA GLN B 437 12.92 17.73 -1.58
C GLN B 437 12.17 18.50 -2.66
N THR B 438 11.36 17.81 -3.45
CA THR B 438 10.34 18.42 -4.31
C THR B 438 8.97 18.43 -3.65
N ARG B 439 8.53 17.28 -3.12
CA ARG B 439 7.30 17.17 -2.37
C ARG B 439 7.51 16.18 -1.23
N LEU B 440 6.83 16.43 -0.11
CA LEU B 440 6.98 15.58 1.07
C LEU B 440 6.67 14.13 0.71
N PRO B 441 7.34 13.18 1.38
CA PRO B 441 7.13 11.76 1.07
C PRO B 441 5.67 11.34 1.15
N ASP B 442 5.27 10.45 0.23
CA ASP B 442 3.96 9.82 0.24
C ASP B 442 4.15 8.36 -0.13
N ASN B 443 3.03 7.63 -0.23
CA ASN B 443 3.10 6.19 -0.45
C ASN B 443 3.89 5.82 -1.69
N GLU B 444 3.83 6.64 -2.74
CA GLU B 444 4.47 6.28 -4.00
C GLU B 444 5.90 6.81 -4.14
N SER B 445 6.44 7.47 -3.12
CA SER B 445 7.80 8.00 -3.20
C SER B 445 8.72 7.45 -2.11
N VAL B 446 8.29 6.41 -1.40
CA VAL B 446 9.15 5.72 -0.44
C VAL B 446 9.45 4.33 -0.97
N PHE B 447 10.36 3.63 -0.28
CA PHE B 447 10.72 2.24 -0.59
C PHE B 447 9.45 1.45 -0.92
N PRO B 448 9.36 0.87 -2.12
CA PRO B 448 8.06 0.44 -2.66
C PRO B 448 7.64 -0.97 -2.26
N HIS B 449 8.04 -1.42 -1.08
CA HIS B 449 7.62 -2.71 -0.57
C HIS B 449 7.31 -2.55 0.91
N TYR B 450 6.47 -3.43 1.44
CA TYR B 450 6.14 -3.37 2.86
C TYR B 450 7.40 -3.43 3.72
N HIS B 451 7.57 -2.43 4.58
CA HIS B 451 8.65 -2.45 5.56
C HIS B 451 8.20 -1.84 6.88
N GLY B 452 6.92 -2.03 7.22
CA GLY B 452 6.35 -1.56 8.47
C GLY B 452 5.94 -0.10 8.44
N PHE B 453 6.89 0.77 8.15
CA PHE B 453 6.66 2.20 8.29
C PHE B 453 5.80 2.72 7.15
N GLU B 454 4.87 3.61 7.50
CA GLU B 454 4.02 4.31 6.54
C GLU B 454 4.63 5.66 6.19
N SER B 455 4.05 6.31 5.17
CA SER B 455 4.69 7.52 4.66
C SER B 455 4.69 8.64 5.69
N TYR B 456 3.70 8.67 6.59
CA TYR B 456 3.68 9.71 7.61
C TYR B 456 4.94 9.69 8.47
N SER B 457 5.49 8.50 8.70
CA SER B 457 6.74 8.40 9.47
C SER B 457 7.90 9.06 8.74
N TYR B 458 7.95 8.96 7.42
CA TYR B 458 9.01 9.63 6.68
C TYR B 458 8.84 11.14 6.74
N VAL B 459 7.61 11.62 6.60
CA VAL B 459 7.35 13.06 6.64
C VAL B 459 7.77 13.64 7.97
N CYS B 460 7.40 12.98 9.06
CA CYS B 460 7.72 13.48 10.39
CA CYS B 460 7.73 13.49 10.39
C CYS B 460 9.23 13.50 10.63
N MET B 461 9.92 12.42 10.24
CA MET B 461 11.36 12.39 10.44
C MET B 461 12.06 13.48 9.64
N LEU B 462 11.67 13.67 8.37
CA LEU B 462 12.31 14.70 7.56
C LEU B 462 12.12 16.08 8.15
N LEU B 463 10.88 16.41 8.57
CA LEU B 463 10.63 17.74 9.12
C LEU B 463 11.40 17.96 10.41
N GLY B 464 11.48 16.94 11.26
CA GLY B 464 12.16 17.10 12.54
C GLY B 464 13.67 17.15 12.40
N LEU B 465 14.23 16.25 11.59
CA LEU B 465 15.68 16.17 11.46
C LEU B 465 16.25 17.43 10.82
N GLY B 466 15.55 18.00 9.85
CA GLY B 466 15.79 19.34 9.39
C GLY B 466 17.00 19.54 8.51
N GLY B 467 17.68 18.48 8.08
CA GLY B 467 18.87 18.64 7.27
C GLY B 467 18.64 18.78 5.78
N LEU B 468 17.44 18.47 5.30
CA LEU B 468 17.12 18.55 3.88
C LEU B 468 16.36 19.84 3.56
N ASP B 469 16.42 20.23 2.29
CA ASP B 469 15.71 21.42 1.81
C ASP B 469 14.33 20.97 1.34
N LEU B 470 13.35 21.02 2.25
CA LEU B 470 12.00 20.56 1.97
C LEU B 470 11.17 21.71 1.40
N LYS B 471 10.24 21.37 0.51
CA LYS B 471 9.40 22.36 -0.15
C LYS B 471 7.94 21.93 -0.07
N SER B 472 7.06 22.89 0.19
CA SER B 472 5.62 22.65 0.14
C SER B 472 5.14 22.61 -1.31
N SER B 473 3.97 22.01 -1.51
CA SER B 473 3.43 21.87 -2.87
C SER B 473 2.93 23.20 -3.39
N PRO B 474 3.36 23.63 -4.58
CA PRO B 474 2.91 24.94 -5.09
C PRO B 474 1.41 25.04 -5.30
N ALA B 475 0.71 23.91 -5.48
CA ALA B 475 -0.74 23.95 -5.67
C ALA B 475 -1.45 24.58 -4.48
N LEU B 476 -0.84 24.52 -3.29
CA LEU B 476 -1.46 25.11 -2.11
C LEU B 476 -1.66 26.61 -2.27
N GLY B 477 -0.81 27.27 -3.04
CA GLY B 477 -0.97 28.70 -3.27
C GLY B 477 -2.17 29.06 -4.13
N LEU B 478 -2.73 28.08 -4.84
CA LEU B 478 -3.90 28.28 -5.68
C LEU B 478 -5.19 27.81 -5.02
N MET B 479 -5.14 27.51 -3.71
CA MET B 479 -6.28 26.91 -3.03
C MET B 479 -6.67 27.74 -1.81
N ASP B 480 -7.94 27.60 -1.43
CA ASP B 480 -8.46 28.22 -0.21
C ASP B 480 -7.70 27.69 1.00
N ALA B 481 -7.12 28.59 1.79
CA ALA B 481 -6.37 28.19 2.98
C ALA B 481 -7.24 28.08 4.22
N ALA B 482 -8.50 28.50 4.16
CA ALA B 482 -9.37 28.42 5.32
C ALA B 482 -9.51 27.00 5.89
N PRO B 483 -9.70 25.95 5.08
CA PRO B 483 -9.81 24.61 5.68
C PRO B 483 -8.59 24.21 6.49
N ALA B 484 -7.39 24.53 6.00
CA ALA B 484 -6.19 24.21 6.76
C ALA B 484 -6.11 25.05 8.03
N ARG B 485 -6.45 26.33 7.94
CA ARG B 485 -6.54 27.16 9.15
C ARG B 485 -7.46 26.53 10.18
N HIS B 486 -8.62 26.04 9.72
CA HIS B 486 -9.57 25.41 10.63
C HIS B 486 -8.98 24.15 11.24
N GLU B 487 -8.23 23.38 10.45
CA GLU B 487 -7.65 22.14 10.97
C GLU B 487 -6.57 22.44 12.00
N PHE B 488 -5.72 23.43 11.74
CA PHE B 488 -4.72 23.83 12.73
C PHE B 488 -5.37 24.28 14.03
N LYS B 489 -6.43 25.08 13.92
CA LYS B 489 -7.15 25.51 15.12
C LYS B 489 -7.74 24.31 15.86
N LEU B 490 -8.29 23.35 15.13
CA LEU B 490 -8.90 22.18 15.77
C LEU B 490 -7.86 21.36 16.52
N VAL B 491 -6.69 21.15 15.93
CA VAL B 491 -5.63 20.42 16.62
C VAL B 491 -5.28 21.10 17.93
N GLY B 492 -5.15 22.43 17.89
CA GLY B 492 -4.88 23.18 19.11
C GLY B 492 -5.98 23.02 20.15
N GLU B 493 -7.24 23.08 19.72
CA GLU B 493 -8.36 22.92 20.65
C GLU B 493 -8.37 21.54 21.28
N GLN B 494 -8.20 20.51 20.46
CA GLN B 494 -8.24 19.14 20.96
C GLN B 494 -7.07 18.87 21.89
N ALA B 495 -5.89 19.40 21.58
CA ALA B 495 -4.73 19.21 22.43
C ALA B 495 -4.97 19.84 23.81
N ALA B 496 -5.46 21.07 23.83
CA ALA B 496 -5.70 21.76 25.10
C ALA B 496 -6.71 21.01 25.96
N GLU B 497 -7.75 20.46 25.33
CA GLU B 497 -8.77 19.75 26.10
C GLU B 497 -8.29 18.39 26.58
N LEU B 498 -7.44 17.72 25.79
CA LEU B 498 -6.83 16.47 26.26
C LEU B 498 -5.87 16.72 27.41
N ALA B 499 -5.07 17.80 27.32
CA ALA B 499 -4.17 18.16 28.41
C ALA B 499 -4.94 18.46 29.69
N ARG B 500 -6.16 18.97 29.56
CA ARG B 500 -6.95 19.32 30.75
C ARG B 500 -7.63 18.11 31.38
N THR B 501 -7.99 17.10 30.58
CA THR B 501 -8.86 16.03 31.05
C THR B 501 -8.17 14.69 31.24
N LEU B 502 -7.13 14.38 30.47
CA LEU B 502 -6.50 13.07 30.59
C LEU B 502 -5.68 12.97 31.88
N PRO B 503 -5.66 11.81 32.52
CA PRO B 503 -4.76 11.62 33.66
C PRO B 503 -3.34 11.39 33.17
N THR B 504 -2.39 11.57 34.09
CA THR B 504 -1.04 11.17 33.77
C THR B 504 -0.98 9.65 33.59
N GLN B 505 0.01 9.19 32.81
CA GLN B 505 0.10 7.74 32.60
C GLN B 505 0.39 7.00 33.90
N TYR B 506 1.15 7.62 34.81
CA TYR B 506 1.39 6.97 36.09
C TYR B 506 0.10 6.82 36.89
N GLU B 507 -0.71 7.89 36.94
CA GLU B 507 -2.00 7.82 37.60
C GLU B 507 -2.84 6.68 37.04
N TYR B 508 -2.87 6.55 35.71
CA TYR B 508 -3.67 5.49 35.09
C TYR B 508 -3.21 4.11 35.53
N PHE B 509 -1.90 3.87 35.55
CA PHE B 509 -1.41 2.54 35.89
C PHE B 509 -1.40 2.29 37.39
N ALA B 510 -1.28 3.34 38.20
CA ALA B 510 -1.30 3.14 39.64
C ALA B 510 -2.66 2.63 40.11
N GLN B 511 -3.76 3.14 39.52
CA GLN B 511 -5.07 2.63 39.87
C GLN B 511 -5.27 1.19 39.37
N LEU B 512 -4.59 0.82 38.30
CA LEU B 512 -4.69 -0.55 37.80
C LEU B 512 -3.86 -1.51 38.66
N HIS B 513 -2.56 -1.27 38.74
CA HIS B 513 -1.67 -2.04 39.60
C HIS B 513 -2.20 -2.10 41.04
#